data_7FSO
#
_entry.id   7FSO
#
_cell.length_a   80.196
_cell.length_b   49.629
_cell.length_c   115.390
_cell.angle_alpha   90.000
_cell.angle_beta   95.120
_cell.angle_gamma   90.000
#
_symmetry.space_group_name_H-M   'P 1 21 1'
#
loop_
_entity.id
_entity.type
_entity.pdbx_description
1 polymer Syntenin-1
2 non-polymer 1,2-ETHANEDIOL
3 non-polymer 'D-GLUTAMIC ACID'
4 non-polymer GLYCINE
5 non-polymer N-[3-(carbamoylamino)phenyl]acetamide
6 non-polymer 'SULFATE ION'
7 water water
#
_entity_poly.entity_id   1
_entity_poly.type   'polypeptide(L)'
_entity_poly.pdbx_seq_one_letter_code
;SMAEIKQGIREVILCKDQDGKIGLRLKSIDNGIFVQLVQANSPASLVGLRFGDQVLQINGENCAGWSSDKAHKVLKQAFG
EKITMTIRDRPFERTITMHKDSTGHVGFIFKNGKITSIVKDSSAARNGLLTEHNICEINGQNVIGLKDSQIADILSTSGT
VVTITIMPAFIFEHIIKRMAPSIMKSLMDHTIPEV
;
_entity_poly.pdbx_strand_id   A,B,C,D
#
loop_
_chem_comp.id
_chem_comp.type
_chem_comp.name
_chem_comp.formula
EDO non-polymer 1,2-ETHANEDIOL 'C2 H6 O2'
LJA non-polymer N-[3-(carbamoylamino)phenyl]acetamide 'C9 H11 N3 O2'
SO4 non-polymer 'SULFATE ION' 'O4 S -2'
#
# COMPACT_ATOMS: atom_id res chain seq x y z
N ILE A 5 -21.16 -18.35 6.52
CA ILE A 5 -20.50 -17.03 6.73
C ILE A 5 -21.44 -16.15 7.56
N LYS A 6 -21.00 -15.82 8.80
CA LYS A 6 -21.75 -15.00 9.75
C LYS A 6 -21.67 -13.53 9.35
N GLN A 7 -22.81 -12.83 9.42
CA GLN A 7 -22.89 -11.44 8.97
C GLN A 7 -22.53 -10.53 10.15
N GLY A 8 -21.53 -11.01 10.89
CA GLY A 8 -21.24 -10.51 12.21
C GLY A 8 -19.79 -10.07 12.33
N ILE A 9 -19.64 -9.13 13.28
CA ILE A 9 -18.40 -8.89 13.97
C ILE A 9 -18.45 -9.56 15.33
N ARG A 10 -17.39 -10.30 15.68
CA ARG A 10 -17.31 -11.01 16.95
C ARG A 10 -15.97 -10.68 17.60
N GLU A 11 -15.95 -10.77 18.94
CA GLU A 11 -14.75 -10.58 19.70
C GLU A 11 -14.18 -11.96 19.99
N VAL A 12 -12.85 -12.11 19.84
CA VAL A 12 -12.17 -13.28 20.35
C VAL A 12 -11.11 -12.83 21.36
N ILE A 13 -10.85 -13.70 22.32
CA ILE A 13 -9.83 -13.50 23.33
C ILE A 13 -8.82 -14.64 23.21
N LEU A 14 -7.55 -14.28 23.08
CA LEU A 14 -6.45 -15.21 22.88
C LEU A 14 -5.45 -15.08 24.01
N CYS A 15 -4.66 -16.14 24.12
CA CYS A 15 -3.58 -16.29 25.07
C CYS A 15 -2.40 -16.87 24.31
N LYS A 16 -1.23 -16.19 24.32
CA LYS A 16 -0.03 -16.79 23.74
C LYS A 16 0.22 -18.14 24.40
N ASP A 17 0.72 -19.10 23.62
CA ASP A 17 1.02 -20.40 24.16
C ASP A 17 2.37 -20.32 24.89
N GLN A 18 2.86 -21.47 25.35
CA GLN A 18 4.06 -21.51 26.18
C GLN A 18 5.30 -21.13 25.38
N ASP A 19 5.23 -21.19 24.04
CA ASP A 19 6.33 -20.73 23.20
C ASP A 19 6.20 -19.26 22.84
N GLY A 20 5.16 -18.56 23.35
CA GLY A 20 4.90 -17.17 23.04
C GLY A 20 4.24 -16.96 21.68
N LYS A 21 3.63 -18.02 21.12
CA LYS A 21 3.05 -18.03 19.78
C LYS A 21 1.52 -17.97 19.86
N ILE A 22 0.89 -17.39 18.82
CA ILE A 22 -0.55 -17.51 18.69
C ILE A 22 -0.93 -18.36 17.49
N GLY A 23 -0.01 -18.60 16.56
CA GLY A 23 -0.26 -19.43 15.40
C GLY A 23 -0.99 -18.73 14.26
N LEU A 24 -0.60 -17.48 13.95
CA LEU A 24 -1.27 -16.61 12.99
C LEU A 24 -0.26 -15.96 12.06
N ARG A 25 -0.60 -15.87 10.78
CA ARG A 25 0.01 -14.89 9.92
C ARG A 25 -1.12 -14.08 9.28
N LEU A 26 -0.82 -12.78 9.08
CA LEU A 26 -1.79 -11.77 8.72
C LEU A 26 -1.30 -11.10 7.43
N LYS A 27 -2.22 -10.51 6.64
CA LYS A 27 -1.91 -9.94 5.35
C LYS A 27 -2.72 -8.66 5.13
N SER A 28 -2.01 -7.58 4.74
CA SER A 28 -2.62 -6.32 4.34
C SER A 28 -3.31 -6.51 3.00
N ILE A 29 -4.64 -6.23 2.98
CA ILE A 29 -5.44 -6.28 1.77
C ILE A 29 -6.38 -5.08 1.78
N ASP A 30 -6.28 -4.22 0.77
CA ASP A 30 -7.22 -3.13 0.54
C ASP A 30 -7.38 -2.32 1.84
N ASN A 31 -6.27 -2.09 2.56
CA ASN A 31 -6.24 -1.29 3.79
C ASN A 31 -6.99 -1.94 4.96
N GLY A 32 -7.31 -3.25 4.84
CA GLY A 32 -7.59 -4.03 6.02
C GLY A 32 -6.47 -5.04 6.27
N ILE A 33 -6.68 -5.81 7.34
CA ILE A 33 -5.80 -6.91 7.72
C ILE A 33 -6.61 -8.19 7.74
N PHE A 34 -6.12 -9.21 7.03
CA PHE A 34 -6.80 -10.49 6.86
C PHE A 34 -5.89 -11.65 7.29
N VAL A 35 -6.50 -12.76 7.69
CA VAL A 35 -5.79 -13.95 8.12
C VAL A 35 -5.34 -14.73 6.89
N GLN A 36 -4.03 -14.93 6.78
CA GLN A 36 -3.43 -15.64 5.68
C GLN A 36 -3.14 -17.10 6.06
N LEU A 37 -2.93 -17.33 7.38
CA LEU A 37 -2.65 -18.68 7.85
C LEU A 37 -2.92 -18.86 9.33
N VAL A 38 -3.68 -19.92 9.65
CA VAL A 38 -3.94 -20.36 11.01
C VAL A 38 -3.27 -21.72 11.19
N GLN A 39 -2.39 -21.82 12.20
CA GLN A 39 -1.62 -23.03 12.47
C GLN A 39 -2.47 -23.99 13.30
N ALA A 40 -2.40 -25.28 12.95
CA ALA A 40 -3.09 -26.32 13.69
C ALA A 40 -2.59 -26.34 15.13
N ASN A 41 -3.49 -26.62 16.08
CA ASN A 41 -3.14 -26.78 17.48
C ASN A 41 -2.53 -25.49 18.03
N SER A 42 -3.06 -24.33 17.63
CA SER A 42 -2.53 -23.06 18.09
C SER A 42 -3.65 -22.35 18.84
N PRO A 43 -3.33 -21.29 19.62
CA PRO A 43 -4.36 -20.45 20.22
C PRO A 43 -5.33 -19.87 19.20
N ALA A 44 -4.85 -19.60 17.98
CA ALA A 44 -5.69 -19.00 16.97
C ALA A 44 -6.74 -20.01 16.47
N SER A 45 -6.33 -21.26 16.19
CA SER A 45 -7.26 -22.34 15.84
C SER A 45 -8.28 -22.58 16.95
N LEU A 46 -7.81 -22.70 18.20
CA LEU A 46 -8.66 -23.04 19.32
C LEU A 46 -9.76 -22.00 19.52
N VAL A 47 -9.50 -20.73 19.18
CA VAL A 47 -10.51 -19.71 19.37
C VAL A 47 -11.32 -19.54 18.09
N GLY A 48 -10.99 -20.29 17.02
CA GLY A 48 -11.88 -20.34 15.87
C GLY A 48 -11.58 -19.33 14.77
N LEU A 49 -10.34 -18.82 14.71
CA LEU A 49 -9.92 -17.98 13.60
C LEU A 49 -9.78 -18.83 12.36
N ARG A 50 -10.15 -18.22 11.22
CA ARG A 50 -10.19 -18.89 9.94
C ARG A 50 -9.47 -18.07 8.88
N PHE A 51 -8.84 -18.77 7.94
CA PHE A 51 -8.34 -18.16 6.72
C PHE A 51 -9.39 -17.19 6.15
N GLY A 52 -8.94 -15.97 5.84
CA GLY A 52 -9.77 -14.99 5.18
C GLY A 52 -10.55 -14.10 6.15
N ASP A 53 -10.50 -14.40 7.46
CA ASP A 53 -11.15 -13.56 8.43
C ASP A 53 -10.46 -12.19 8.42
N GLN A 54 -11.23 -11.12 8.63
CA GLN A 54 -10.69 -9.78 8.76
C GLN A 54 -10.50 -9.45 10.24
N VAL A 55 -9.34 -8.91 10.58
CA VAL A 55 -9.06 -8.37 11.89
C VAL A 55 -9.30 -6.85 11.88
N LEU A 56 -10.33 -6.42 12.63
CA LEU A 56 -10.76 -5.04 12.70
C LEU A 56 -9.95 -4.29 13.75
N GLN A 57 -9.86 -4.89 14.94
CA GLN A 57 -9.08 -4.35 16.01
C GLN A 57 -8.19 -5.42 16.63
N ILE A 58 -7.05 -4.98 17.16
CA ILE A 58 -6.28 -5.74 18.13
C ILE A 58 -6.15 -4.91 19.40
N ASN A 59 -6.52 -5.49 20.54
CA ASN A 59 -6.51 -4.83 21.83
C ASN A 59 -7.15 -3.44 21.72
N GLY A 60 -8.26 -3.34 20.98
CA GLY A 60 -9.04 -2.12 20.93
C GLY A 60 -8.49 -1.07 19.98
N GLU A 61 -7.39 -1.35 19.27
CA GLU A 61 -6.86 -0.44 18.25
C GLU A 61 -7.18 -0.94 16.84
N ASN A 62 -7.60 0.00 15.98
CA ASN A 62 -7.98 -0.29 14.62
C ASN A 62 -6.79 -0.74 13.78
N CYS A 63 -7.01 -1.75 12.94
CA CYS A 63 -5.97 -2.30 12.07
C CYS A 63 -5.89 -1.61 10.73
N ALA A 64 -6.82 -0.68 10.51
CA ALA A 64 -6.96 -0.02 9.23
C ALA A 64 -5.63 0.61 8.80
N GLY A 65 -5.18 0.27 7.59
CA GLY A 65 -3.99 0.85 7.01
C GLY A 65 -2.69 0.19 7.43
N TRP A 66 -2.72 -0.73 8.41
CA TRP A 66 -1.49 -1.34 8.89
C TRP A 66 -0.89 -2.17 7.77
N SER A 67 0.45 -2.17 7.68
CA SER A 67 1.11 -3.17 6.86
C SER A 67 1.10 -4.49 7.61
N SER A 68 1.39 -5.59 6.89
CA SER A 68 1.54 -6.92 7.44
C SER A 68 2.59 -6.94 8.54
N ASP A 69 3.75 -6.31 8.28
CA ASP A 69 4.85 -6.18 9.23
C ASP A 69 4.38 -5.53 10.54
N LYS A 70 3.62 -4.43 10.42
CA LYS A 70 3.14 -3.74 11.61
C LYS A 70 2.16 -4.60 12.41
N ALA A 71 1.31 -5.37 11.74
CA ALA A 71 0.36 -6.23 12.45
C ALA A 71 1.09 -7.31 13.23
N HIS A 72 2.06 -7.97 12.59
CA HIS A 72 2.91 -8.99 13.21
C HIS A 72 3.68 -8.43 14.42
N LYS A 73 4.18 -7.19 14.28
CA LYS A 73 4.94 -6.55 15.34
C LYS A 73 4.03 -6.27 16.52
N VAL A 74 2.83 -5.76 16.25
CA VAL A 74 1.86 -5.48 17.31
C VAL A 74 1.58 -6.74 18.13
N LEU A 75 1.44 -7.89 17.45
CA LEU A 75 1.11 -9.14 18.11
C LEU A 75 2.30 -9.61 18.98
N LYS A 76 3.50 -9.55 18.40
CA LYS A 76 4.72 -9.87 19.13
C LYS A 76 4.83 -9.06 20.42
N GLN A 77 4.46 -7.76 20.38
CA GLN A 77 4.69 -6.88 21.52
C GLN A 77 3.51 -6.85 22.49
N ALA A 78 2.45 -7.62 22.24
CA ALA A 78 1.32 -7.67 23.16
C ALA A 78 1.66 -8.51 24.40
N PHE A 79 1.30 -7.97 25.58
CA PHE A 79 1.32 -8.73 26.82
C PHE A 79 0.39 -9.93 26.68
N GLY A 80 0.94 -11.10 26.33
CA GLY A 80 0.19 -12.16 25.68
C GLY A 80 -0.77 -12.92 26.59
N GLU A 81 -0.96 -12.40 27.80
CA GLU A 81 -1.89 -12.96 28.76
C GLU A 81 -3.32 -12.88 28.22
N LYS A 82 -3.74 -11.70 27.75
CA LYS A 82 -5.05 -11.57 27.15
C LYS A 82 -4.98 -10.60 25.98
N ILE A 83 -5.07 -11.15 24.76
CA ILE A 83 -5.14 -10.38 23.53
C ILE A 83 -6.58 -10.43 23.02
N THR A 84 -7.22 -9.27 22.87
CA THR A 84 -8.55 -9.18 22.31
C THR A 84 -8.46 -8.80 20.83
N MET A 85 -9.26 -9.50 20.02
CA MET A 85 -9.33 -9.22 18.60
C MET A 85 -10.80 -9.10 18.21
N THR A 86 -11.10 -8.08 17.38
CA THR A 86 -12.41 -7.96 16.78
C THR A 86 -12.31 -8.48 15.35
N ILE A 87 -13.17 -9.45 15.01
CA ILE A 87 -13.12 -10.20 13.75
C ILE A 87 -14.40 -9.98 12.94
N ARG A 88 -14.27 -9.77 11.63
CA ARG A 88 -15.38 -9.92 10.69
C ARG A 88 -15.17 -11.22 9.92
N ASP A 89 -16.23 -12.04 9.83
CA ASP A 89 -16.14 -13.41 9.37
C ASP A 89 -15.94 -13.46 7.86
N ARG A 90 -14.83 -14.06 7.42
CA ARG A 90 -14.49 -14.39 6.04
C ARG A 90 -15.21 -13.52 4.99
N PRO A 91 -14.94 -12.20 4.96
CA PRO A 91 -15.73 -11.28 4.13
C PRO A 91 -15.56 -11.40 2.63
N PHE A 92 -14.45 -12.01 2.18
CA PHE A 92 -14.26 -12.19 0.76
C PHE A 92 -14.82 -13.53 0.29
N GLU A 93 -15.50 -14.28 1.16
CA GLU A 93 -15.90 -15.65 0.82
C GLU A 93 -17.40 -15.80 0.88
N ARG A 94 -17.87 -16.87 0.20
CA ARG A 94 -19.27 -17.24 0.23
C ARG A 94 -19.35 -18.76 0.33
N THR A 95 -20.49 -19.24 0.82
CA THR A 95 -20.68 -20.68 0.96
C THR A 95 -21.84 -21.11 0.08
N ILE A 96 -21.65 -22.23 -0.60
CA ILE A 96 -22.60 -22.76 -1.56
C ILE A 96 -22.93 -24.17 -1.10
N THR A 97 -24.23 -24.49 -0.97
CA THR A 97 -24.66 -25.84 -0.60
C THR A 97 -25.13 -26.60 -1.85
N MET A 98 -24.59 -27.80 -2.03
CA MET A 98 -24.96 -28.66 -3.15
C MET A 98 -25.39 -30.05 -2.65
N HIS A 99 -26.00 -30.84 -3.55
CA HIS A 99 -26.38 -32.21 -3.25
C HIS A 99 -25.78 -33.13 -4.31
N LYS A 100 -25.13 -34.21 -3.85
CA LYS A 100 -24.56 -35.17 -4.77
C LYS A 100 -25.71 -35.85 -5.48
N ASP A 101 -25.49 -36.15 -6.77
CA ASP A 101 -26.49 -36.86 -7.55
C ASP A 101 -26.40 -38.35 -7.21
N SER A 102 -27.08 -39.18 -8.00
CA SER A 102 -27.08 -40.62 -7.77
C SER A 102 -25.69 -41.22 -7.96
N THR A 103 -24.88 -40.62 -8.86
CA THR A 103 -23.52 -41.10 -9.13
C THR A 103 -22.52 -40.50 -8.15
N GLY A 104 -22.99 -39.68 -7.19
CA GLY A 104 -22.13 -39.11 -6.16
C GLY A 104 -21.37 -37.87 -6.62
N HIS A 105 -21.86 -37.19 -7.68
CA HIS A 105 -21.24 -35.99 -8.22
C HIS A 105 -22.08 -34.76 -7.88
N VAL A 106 -21.40 -33.60 -7.70
CA VAL A 106 -22.09 -32.33 -7.47
C VAL A 106 -22.04 -31.45 -8.71
N GLY A 107 -20.96 -31.55 -9.48
CA GLY A 107 -20.94 -31.16 -10.88
C GLY A 107 -19.97 -30.04 -11.21
N PHE A 108 -18.69 -30.19 -10.83
CA PHE A 108 -17.71 -29.25 -11.32
C PHE A 108 -16.36 -29.91 -11.50
N ILE A 109 -15.48 -29.18 -12.21
CA ILE A 109 -14.10 -29.52 -12.39
C ILE A 109 -13.28 -28.43 -11.71
N PHE A 110 -12.22 -28.85 -11.00
CA PHE A 110 -11.28 -27.91 -10.43
C PHE A 110 -9.85 -28.38 -10.67
N LYS A 111 -8.93 -27.44 -10.47
CA LYS A 111 -7.52 -27.64 -10.70
C LYS A 111 -6.75 -26.66 -9.84
N ASN A 112 -5.79 -27.21 -9.05
CA ASN A 112 -5.03 -26.45 -8.06
C ASN A 112 -6.00 -25.71 -7.14
N GLY A 113 -7.07 -26.42 -6.73
CA GLY A 113 -8.08 -25.85 -5.83
C GLY A 113 -9.01 -24.81 -6.47
N LYS A 114 -8.79 -24.49 -7.76
CA LYS A 114 -9.58 -23.48 -8.46
C LYS A 114 -10.62 -24.12 -9.39
N ILE A 115 -11.89 -23.76 -9.21
CA ILE A 115 -13.00 -24.28 -10.01
C ILE A 115 -12.87 -23.72 -11.44
N THR A 116 -12.94 -24.61 -12.44
CA THR A 116 -12.60 -24.26 -13.82
C THR A 116 -13.74 -24.57 -14.78
N SER A 117 -14.67 -25.47 -14.41
CA SER A 117 -15.87 -25.64 -15.21
C SER A 117 -17.00 -26.19 -14.36
N ILE A 118 -18.23 -25.86 -14.77
CA ILE A 118 -19.45 -26.29 -14.11
C ILE A 118 -20.17 -27.24 -15.06
N VAL A 119 -20.58 -28.40 -14.54
CA VAL A 119 -21.17 -29.44 -15.36
C VAL A 119 -22.67 -29.15 -15.55
N LYS A 120 -23.12 -29.22 -16.82
CA LYS A 120 -24.52 -29.01 -17.18
C LYS A 120 -25.43 -29.93 -16.39
N ASP A 121 -26.60 -29.39 -16.01
CA ASP A 121 -27.64 -30.13 -15.29
C ASP A 121 -27.13 -30.63 -13.94
N SER A 122 -26.06 -30.06 -13.36
CA SER A 122 -25.58 -30.50 -12.06
C SER A 122 -26.18 -29.66 -10.93
N SER A 123 -25.96 -30.13 -9.69
CA SER A 123 -26.30 -29.38 -8.49
C SER A 123 -25.51 -28.08 -8.42
N ALA A 124 -24.24 -28.14 -8.83
CA ALA A 124 -23.36 -26.99 -8.95
C ALA A 124 -23.97 -25.94 -9.91
N ALA A 125 -24.46 -26.42 -11.07
CA ALA A 125 -25.16 -25.57 -12.03
C ALA A 125 -26.40 -24.97 -11.41
N ARG A 126 -27.23 -25.79 -10.76
CA ARG A 126 -28.49 -25.33 -10.18
C ARG A 126 -28.26 -24.27 -9.10
N ASN A 127 -27.17 -24.38 -8.35
CA ASN A 127 -26.87 -23.52 -7.21
C ASN A 127 -25.96 -22.37 -7.60
N GLY A 128 -25.50 -22.32 -8.88
CA GLY A 128 -24.77 -21.17 -9.38
C GLY A 128 -23.35 -21.05 -8.85
N LEU A 129 -22.68 -22.21 -8.79
CA LEU A 129 -21.26 -22.24 -8.53
C LEU A 129 -20.52 -21.53 -9.65
N LEU A 130 -19.47 -20.80 -9.31
CA LEU A 130 -18.75 -19.98 -10.25
C LEU A 130 -17.36 -20.55 -10.48
N THR A 131 -16.83 -20.30 -11.66
CA THR A 131 -15.46 -20.63 -11.99
C THR A 131 -14.59 -19.47 -11.59
N GLU A 132 -13.27 -19.66 -11.72
CA GLU A 132 -12.30 -18.66 -11.32
C GLU A 132 -12.47 -18.33 -9.82
N HIS A 133 -12.82 -19.34 -9.04
CA HIS A 133 -12.96 -19.22 -7.59
C HIS A 133 -12.14 -20.35 -6.92
N ASN A 134 -11.39 -20.01 -5.88
CA ASN A 134 -10.64 -20.99 -5.12
C ASN A 134 -11.51 -21.58 -4.01
N ILE A 135 -11.36 -22.89 -3.84
CA ILE A 135 -12.03 -23.61 -2.75
C ILE A 135 -11.25 -23.37 -1.48
N CYS A 136 -11.92 -22.81 -0.46
CA CYS A 136 -11.27 -22.52 0.81
C CYS A 136 -11.63 -23.60 1.85
N GLU A 137 -12.87 -24.07 1.82
CA GLU A 137 -13.35 -24.99 2.83
C GLU A 137 -14.40 -25.90 2.20
N ILE A 138 -14.44 -27.14 2.73
CA ILE A 138 -15.48 -28.11 2.44
C ILE A 138 -16.06 -28.55 3.78
N ASN A 139 -17.38 -28.38 3.92
CA ASN A 139 -18.09 -28.75 5.14
C ASN A 139 -17.39 -28.17 6.36
N GLY A 140 -17.04 -26.87 6.30
CA GLY A 140 -16.39 -26.17 7.40
C GLY A 140 -14.92 -26.52 7.62
N GLN A 141 -14.35 -27.40 6.80
CA GLN A 141 -12.98 -27.79 6.96
C GLN A 141 -12.10 -27.08 5.95
N ASN A 142 -11.05 -26.45 6.44
CA ASN A 142 -10.09 -25.76 5.59
C ASN A 142 -9.40 -26.80 4.72
N VAL A 143 -9.33 -26.59 3.40
CA VAL A 143 -8.68 -27.50 2.47
C VAL A 143 -7.57 -26.82 1.69
N ILE A 144 -7.11 -25.66 2.16
CA ILE A 144 -6.15 -24.88 1.39
C ILE A 144 -4.75 -25.48 1.53
N GLY A 145 -4.13 -25.76 0.37
CA GLY A 145 -2.81 -26.34 0.34
C GLY A 145 -2.82 -27.86 0.12
N LEU A 146 -3.99 -28.52 0.33
CA LEU A 146 -4.17 -29.93 0.06
C LEU A 146 -4.15 -30.16 -1.45
N LYS A 147 -3.86 -31.42 -1.83
CA LYS A 147 -3.76 -31.77 -3.24
C LYS A 147 -5.17 -31.99 -3.78
N ASP A 148 -5.30 -31.90 -5.09
CA ASP A 148 -6.62 -32.04 -5.70
C ASP A 148 -7.23 -33.39 -5.28
N SER A 149 -6.38 -34.42 -5.17
CA SER A 149 -6.87 -35.75 -4.91
C SER A 149 -7.42 -35.85 -3.49
N GLN A 150 -6.81 -35.14 -2.56
CA GLN A 150 -7.26 -35.08 -1.17
C GLN A 150 -8.59 -34.33 -1.08
N ILE A 151 -8.73 -33.26 -1.88
CA ILE A 151 -9.98 -32.51 -1.93
C ILE A 151 -11.05 -33.42 -2.55
N ALA A 152 -10.72 -34.12 -3.65
CA ALA A 152 -11.60 -35.15 -4.20
C ALA A 152 -12.06 -36.14 -3.13
N ASP A 153 -11.10 -36.64 -2.32
CA ASP A 153 -11.38 -37.67 -1.34
C ASP A 153 -12.35 -37.18 -0.28
N ILE A 154 -12.19 -35.91 0.13
CA ILE A 154 -13.05 -35.30 1.14
C ILE A 154 -14.47 -35.16 0.60
N LEU A 155 -14.55 -34.84 -0.70
CA LEU A 155 -15.84 -34.70 -1.37
C LEU A 155 -16.52 -36.07 -1.37
N SER A 156 -15.76 -37.13 -1.68
CA SER A 156 -16.27 -38.50 -1.68
C SER A 156 -16.79 -38.88 -0.30
N THR A 157 -16.00 -38.61 0.75
CA THR A 157 -16.31 -39.10 2.09
C THR A 157 -17.36 -38.23 2.77
N SER A 158 -17.75 -37.14 2.11
CA SER A 158 -18.84 -36.32 2.61
C SER A 158 -20.15 -37.04 2.37
N GLY A 159 -21.19 -36.64 3.10
CA GLY A 159 -22.54 -37.07 2.82
C GLY A 159 -23.04 -36.49 1.49
N THR A 160 -24.35 -36.62 1.27
CA THR A 160 -24.95 -36.13 0.04
C THR A 160 -24.85 -34.61 0.01
N VAL A 161 -25.14 -33.96 1.15
CA VAL A 161 -25.13 -32.50 1.27
C VAL A 161 -23.68 -32.03 1.42
N VAL A 162 -23.22 -31.22 0.46
CA VAL A 162 -21.84 -30.74 0.40
C VAL A 162 -21.84 -29.20 0.43
N THR A 163 -21.18 -28.64 1.44
CA THR A 163 -21.08 -27.20 1.60
C THR A 163 -19.65 -26.79 1.23
N ILE A 164 -19.53 -25.85 0.30
CA ILE A 164 -18.21 -25.39 -0.16
C ILE A 164 -18.12 -23.87 0.06
N THR A 165 -17.01 -23.44 0.64
CA THR A 165 -16.72 -22.04 0.84
C THR A 165 -15.67 -21.61 -0.19
N ILE A 166 -15.99 -20.58 -0.99
CA ILE A 166 -15.16 -20.19 -2.12
C ILE A 166 -14.80 -18.71 -2.03
N MET A 167 -13.73 -18.34 -2.72
CA MET A 167 -13.19 -16.99 -2.76
C MET A 167 -12.79 -16.67 -4.20
N PRO A 168 -13.13 -15.47 -4.75
CA PRO A 168 -12.61 -15.10 -6.06
C PRO A 168 -11.10 -15.28 -6.15
N ALA A 169 -10.64 -15.89 -7.24
CA ALA A 169 -9.24 -16.30 -7.39
C ALA A 169 -8.31 -15.12 -7.31
N PHE A 170 -8.67 -13.94 -7.85
N PHE A 170 -8.68 -13.95 -7.85
CA PHE A 170 -7.75 -12.81 -7.81
CA PHE A 170 -7.79 -12.80 -7.82
C PHE A 170 -7.55 -12.34 -6.37
C PHE A 170 -7.56 -12.35 -6.38
N ILE A 171 -8.57 -12.54 -5.51
CA ILE A 171 -8.41 -12.15 -4.11
C ILE A 171 -7.59 -13.23 -3.37
N PHE A 172 -7.93 -14.49 -3.64
CA PHE A 172 -7.18 -15.60 -3.07
C PHE A 172 -5.67 -15.47 -3.37
N GLU A 173 -5.33 -15.24 -4.64
CA GLU A 173 -3.96 -15.11 -5.08
C GLU A 173 -3.27 -13.92 -4.40
N HIS A 174 -4.01 -12.84 -4.10
CA HIS A 174 -3.43 -11.72 -3.35
C HIS A 174 -3.14 -12.11 -1.89
N ILE A 175 -4.05 -12.87 -1.26
CA ILE A 175 -3.91 -13.19 0.16
C ILE A 175 -2.71 -14.11 0.38
N ILE A 176 -2.49 -15.07 -0.52
CA ILE A 176 -1.50 -16.10 -0.29
C ILE A 176 -0.14 -15.69 -0.84
N LYS A 177 0.07 -14.48 -1.40
CA LYS A 177 1.43 -14.11 -1.81
C LYS A 177 2.37 -14.06 -0.61
N ARG A 178 3.64 -14.46 -0.87
CA ARG A 178 4.73 -14.49 0.11
C ARG A 178 4.51 -15.63 1.12
N MET A 179 3.85 -16.70 0.69
CA MET A 179 3.66 -17.88 1.52
C MET A 179 3.84 -19.12 0.65
N ALA A 180 4.81 -19.95 1.04
CA ALA A 180 5.25 -21.10 0.28
C ALA A 180 4.16 -22.16 0.29
N PRO A 181 3.79 -22.75 -0.87
CA PRO A 181 2.88 -23.90 -0.90
C PRO A 181 3.10 -24.98 0.17
N SER A 182 4.36 -25.24 0.51
CA SER A 182 4.73 -26.30 1.44
C SER A 182 4.30 -25.93 2.86
N ILE A 183 4.34 -24.63 3.17
CA ILE A 183 3.89 -24.11 4.46
C ILE A 183 2.37 -24.25 4.55
N MET A 184 1.67 -23.87 3.48
CA MET A 184 0.21 -23.90 3.43
C MET A 184 -0.25 -25.35 3.59
N LYS A 185 0.41 -26.27 2.88
CA LYS A 185 0.09 -27.69 2.96
C LYS A 185 0.37 -28.25 4.35
N SER A 186 1.49 -27.85 4.96
CA SER A 186 1.97 -28.52 6.17
C SER A 186 1.43 -27.86 7.43
N LEU A 187 1.15 -26.55 7.38
CA LEU A 187 1.02 -25.77 8.61
C LEU A 187 -0.38 -25.21 8.76
N MET A 188 -1.11 -24.96 7.65
CA MET A 188 -2.48 -24.47 7.73
C MET A 188 -3.36 -25.55 8.36
N ASP A 189 -4.14 -25.13 9.37
CA ASP A 189 -5.08 -25.98 10.09
C ASP A 189 -6.06 -26.60 9.09
N HIS A 190 -6.12 -27.94 9.03
CA HIS A 190 -7.07 -28.66 8.21
C HIS A 190 -8.02 -29.50 9.03
N THR A 191 -8.05 -29.25 10.34
CA THR A 191 -8.81 -30.09 11.22
C THR A 191 -10.23 -29.54 11.26
N ILE A 192 -11.10 -30.45 11.67
CA ILE A 192 -12.42 -30.13 12.14
C ILE A 192 -12.28 -29.46 13.51
N PRO A 193 -12.98 -28.34 13.75
CA PRO A 193 -12.97 -27.66 15.05
C PRO A 193 -13.48 -28.52 16.21
N GLU A 194 -12.89 -28.30 17.38
CA GLU A 194 -13.18 -29.08 18.58
C GLU A 194 -14.27 -28.44 19.43
N VAL A 195 -14.99 -29.27 20.19
CA VAL A 195 -16.07 -28.87 21.08
C VAL A 195 -15.72 -29.27 22.51
N ALA B 3 32.38 -5.39 20.22
CA ALA B 3 32.52 -6.38 19.13
C ALA B 3 33.13 -7.70 19.66
N GLU B 4 33.19 -7.83 21.01
CA GLU B 4 33.75 -8.99 21.72
C GLU B 4 32.99 -10.28 21.35
N ILE B 5 33.74 -11.33 20.98
CA ILE B 5 33.19 -12.66 20.70
C ILE B 5 32.65 -13.27 22.01
N LYS B 6 31.32 -13.48 22.10
CA LYS B 6 30.67 -14.10 23.25
C LYS B 6 30.90 -15.62 23.23
N GLN B 7 31.21 -16.18 24.41
CA GLN B 7 31.44 -17.61 24.52
C GLN B 7 30.10 -18.32 24.77
N GLY B 8 30.07 -19.62 24.48
CA GLY B 8 28.83 -20.37 24.50
C GLY B 8 27.78 -19.82 23.53
N ILE B 9 26.53 -20.01 23.94
CA ILE B 9 25.42 -20.21 23.04
C ILE B 9 24.31 -19.26 23.47
N ARG B 10 23.68 -18.56 22.51
CA ARG B 10 22.44 -17.83 22.79
C ARG B 10 21.32 -18.25 21.85
N GLU B 11 20.08 -18.06 22.30
CA GLU B 11 18.90 -18.28 21.50
C GLU B 11 18.51 -16.94 20.88
N VAL B 12 18.17 -16.95 19.59
CA VAL B 12 17.62 -15.79 18.92
C VAL B 12 16.25 -16.20 18.35
N ILE B 13 15.37 -15.21 18.26
CA ILE B 13 13.99 -15.44 17.84
C ILE B 13 13.72 -14.49 16.68
N LEU B 14 13.31 -15.05 15.55
CA LEU B 14 13.15 -14.33 14.29
C LEU B 14 11.72 -14.47 13.82
N CYS B 15 11.34 -13.54 12.94
CA CYS B 15 10.02 -13.45 12.35
C CYS B 15 10.22 -13.22 10.86
N LYS B 16 9.74 -14.10 9.97
CA LYS B 16 9.80 -13.82 8.54
C LYS B 16 9.10 -12.48 8.29
N ASP B 17 9.63 -11.72 7.34
CA ASP B 17 9.01 -10.45 6.98
C ASP B 17 7.82 -10.74 6.06
N GLN B 18 7.22 -9.67 5.55
CA GLN B 18 5.99 -9.80 4.80
C GLN B 18 6.23 -10.44 3.43
N ASP B 19 7.49 -10.47 2.97
CA ASP B 19 7.86 -11.20 1.76
C ASP B 19 8.24 -12.67 2.06
N GLY B 20 8.15 -13.10 3.32
CA GLY B 20 8.50 -14.47 3.73
C GLY B 20 10.00 -14.70 3.85
N LYS B 21 10.80 -13.61 4.01
CA LYS B 21 12.24 -13.64 4.04
C LYS B 21 12.75 -13.40 5.46
N ILE B 22 13.95 -13.91 5.75
CA ILE B 22 14.64 -13.66 7.02
C ILE B 22 15.87 -12.79 6.76
N GLY B 23 16.40 -12.83 5.53
CA GLY B 23 17.60 -12.10 5.18
C GLY B 23 18.89 -12.80 5.59
N LEU B 24 18.99 -14.12 5.37
CA LEU B 24 20.13 -14.95 5.72
C LEU B 24 20.58 -15.82 4.53
N ARG B 25 21.89 -16.03 4.41
CA ARG B 25 22.35 -17.20 3.67
C ARG B 25 23.24 -18.02 4.60
N LEU B 26 23.11 -19.33 4.47
CA LEU B 26 23.74 -20.31 5.34
C LEU B 26 24.64 -21.22 4.53
N LYS B 27 25.71 -21.73 5.16
CA LYS B 27 26.77 -22.44 4.46
C LYS B 27 27.29 -23.55 5.38
N SER B 28 27.34 -24.75 4.81
CA SER B 28 27.89 -25.94 5.44
C SER B 28 29.41 -25.81 5.52
N ILE B 29 29.95 -25.91 6.76
CA ILE B 29 31.39 -25.88 6.99
C ILE B 29 31.72 -26.90 8.09
N ASP B 30 32.59 -27.86 7.79
CA ASP B 30 33.10 -28.79 8.79
C ASP B 30 31.94 -29.42 9.56
N ASN B 31 30.83 -29.73 8.84
CA ASN B 31 29.64 -30.35 9.39
C ASN B 31 28.87 -29.48 10.38
N GLY B 32 29.14 -28.16 10.37
CA GLY B 32 28.21 -27.23 10.96
C GLY B 32 27.59 -26.34 9.87
N ILE B 33 26.73 -25.43 10.33
CA ILE B 33 26.09 -24.44 9.49
C ILE B 33 26.48 -23.04 9.99
N PHE B 34 26.96 -22.20 9.06
CA PHE B 34 27.44 -20.85 9.35
C PHE B 34 26.73 -19.83 8.46
N VAL B 35 26.71 -18.60 8.95
CA VAL B 35 26.08 -17.49 8.26
C VAL B 35 27.11 -16.92 7.29
N GLN B 36 26.75 -16.93 6.01
CA GLN B 36 27.63 -16.41 4.95
C GLN B 36 27.11 -15.05 4.47
N LEU B 37 25.86 -14.70 4.81
CA LEU B 37 25.34 -13.37 4.51
C LEU B 37 24.17 -13.01 5.45
N VAL B 38 24.23 -11.79 5.98
CA VAL B 38 23.10 -11.14 6.66
C VAL B 38 22.72 -9.92 5.80
N GLN B 39 21.44 -9.79 5.44
CA GLN B 39 20.96 -8.69 4.61
C GLN B 39 20.61 -7.50 5.51
N ALA B 40 20.98 -6.30 5.07
CA ALA B 40 20.65 -5.09 5.82
C ALA B 40 19.12 -4.95 5.88
N ASN B 41 18.61 -4.42 7.00
CA ASN B 41 17.19 -4.13 7.15
C ASN B 41 16.37 -5.42 7.02
N SER B 42 16.88 -6.51 7.58
CA SER B 42 16.19 -7.78 7.50
C SER B 42 15.86 -8.19 8.92
N PRO B 43 14.95 -9.17 9.12
CA PRO B 43 14.75 -9.75 10.46
C PRO B 43 16.03 -10.28 11.10
N ALA B 44 16.95 -10.80 10.25
CA ALA B 44 18.19 -11.37 10.77
C ALA B 44 19.11 -10.28 11.34
N SER B 45 19.29 -9.17 10.60
CA SER B 45 20.05 -8.02 11.09
C SER B 45 19.43 -7.46 12.38
N LEU B 46 18.11 -7.24 12.37
CA LEU B 46 17.42 -6.64 13.51
C LEU B 46 17.61 -7.44 14.78
N VAL B 47 17.76 -8.77 14.69
CA VAL B 47 17.92 -9.56 15.90
C VAL B 47 19.40 -9.77 16.20
N GLY B 48 20.31 -9.25 15.36
CA GLY B 48 21.72 -9.22 15.71
C GLY B 48 22.54 -10.42 15.24
N LEU B 49 22.04 -11.12 14.20
CA LEU B 49 22.82 -12.19 13.58
C LEU B 49 23.94 -11.52 12.78
N ARG B 50 25.09 -12.22 12.73
CA ARG B 50 26.28 -11.72 12.10
C ARG B 50 26.89 -12.77 11.19
N PHE B 51 27.56 -12.29 10.14
CA PHE B 51 28.45 -13.09 9.33
C PHE B 51 29.38 -13.89 10.24
N GLY B 52 29.47 -15.19 9.95
CA GLY B 52 30.39 -16.07 10.66
C GLY B 52 29.73 -16.77 11.86
N ASP B 53 28.54 -16.32 12.27
CA ASP B 53 27.83 -16.98 13.36
C ASP B 53 27.50 -18.43 12.97
N GLN B 54 27.57 -19.33 13.96
CA GLN B 54 27.24 -20.72 13.78
C GLN B 54 25.81 -20.93 14.24
N VAL B 55 25.01 -21.63 13.41
CA VAL B 55 23.68 -22.04 13.77
C VAL B 55 23.72 -23.50 14.22
N LEU B 56 23.41 -23.71 15.51
CA LEU B 56 23.45 -25.02 16.15
C LEU B 56 22.14 -25.74 15.97
N GLN B 57 21.04 -25.03 16.21
CA GLN B 57 19.71 -25.55 15.99
C GLN B 57 18.84 -24.54 15.26
N ILE B 58 17.89 -25.04 14.47
CA ILE B 58 16.75 -24.27 14.02
C ILE B 58 15.46 -24.92 14.50
N ASN B 59 14.60 -24.15 15.19
CA ASN B 59 13.38 -24.63 15.78
C ASN B 59 13.66 -25.92 16.57
N GLY B 60 14.79 -25.96 17.30
CA GLY B 60 15.08 -27.07 18.20
C GLY B 60 15.61 -28.32 17.50
N GLU B 61 15.85 -28.27 16.18
CA GLU B 61 16.49 -29.36 15.46
C GLU B 61 17.95 -29.01 15.17
N ASN B 62 18.83 -30.00 15.39
CA ASN B 62 20.27 -29.85 15.22
C ASN B 62 20.62 -29.66 13.76
N CYS B 63 21.51 -28.73 13.45
CA CYS B 63 21.95 -28.45 12.09
C CYS B 63 23.13 -29.30 11.66
N ALA B 64 23.67 -30.07 12.63
CA ALA B 64 24.87 -30.85 12.42
C ALA B 64 24.69 -31.77 11.21
N GLY B 65 25.63 -31.67 10.26
CA GLY B 65 25.64 -32.54 9.11
C GLY B 65 24.81 -31.98 7.94
N TRP B 66 23.96 -30.97 8.18
CA TRP B 66 23.10 -30.47 7.10
C TRP B 66 23.92 -29.87 5.99
N SER B 67 23.49 -30.10 4.73
CA SER B 67 24.04 -29.31 3.65
C SER B 67 23.39 -27.93 3.68
N SER B 68 23.98 -27.02 2.90
CA SER B 68 23.52 -25.67 2.67
C SER B 68 22.08 -25.67 2.15
N ASP B 69 21.82 -26.55 1.17
CA ASP B 69 20.53 -26.71 0.52
C ASP B 69 19.49 -27.09 1.56
N LYS B 70 19.82 -28.07 2.42
CA LYS B 70 18.90 -28.50 3.45
C LYS B 70 18.57 -27.37 4.45
N ALA B 71 19.57 -26.57 4.82
CA ALA B 71 19.34 -25.50 5.79
C ALA B 71 18.41 -24.43 5.21
N HIS B 72 18.66 -24.03 3.96
CA HIS B 72 17.85 -23.09 3.20
C HIS B 72 16.43 -23.59 3.04
N LYS B 73 16.27 -24.90 2.78
CA LYS B 73 14.96 -25.49 2.60
C LYS B 73 14.21 -25.44 3.92
N VAL B 74 14.89 -25.77 5.02
CA VAL B 74 14.25 -25.74 6.34
C VAL B 74 13.71 -24.32 6.62
N LEU B 75 14.46 -23.29 6.26
CA LEU B 75 14.05 -21.90 6.52
C LEU B 75 12.85 -21.52 5.63
N LYS B 76 12.92 -21.87 4.35
CA LYS B 76 11.82 -21.68 3.43
C LYS B 76 10.54 -22.31 3.96
N GLN B 77 10.62 -23.48 4.61
CA GLN B 77 9.43 -24.21 5.05
C GLN B 77 8.96 -23.83 6.45
N ALA B 78 9.70 -22.94 7.14
CA ALA B 78 9.36 -22.59 8.51
C ALA B 78 8.20 -21.59 8.55
N PHE B 79 7.24 -21.81 9.45
CA PHE B 79 6.23 -20.84 9.77
C PHE B 79 6.91 -19.56 10.26
N GLY B 80 6.44 -18.43 9.74
CA GLY B 80 7.17 -17.18 9.84
C GLY B 80 6.95 -16.45 11.15
N GLU B 81 6.03 -16.93 11.99
CA GLU B 81 5.68 -16.25 13.22
C GLU B 81 6.88 -16.25 14.18
N LYS B 82 7.44 -17.43 14.44
CA LYS B 82 8.51 -17.54 15.41
C LYS B 82 9.45 -18.65 14.96
N ILE B 83 10.62 -18.26 14.47
CA ILE B 83 11.73 -19.17 14.22
C ILE B 83 12.74 -18.98 15.36
N THR B 84 13.03 -20.07 16.08
CA THR B 84 14.10 -20.05 17.07
C THR B 84 15.38 -20.63 16.47
N MET B 85 16.48 -19.92 16.74
CA MET B 85 17.79 -20.38 16.35
C MET B 85 18.69 -20.35 17.58
N THR B 86 19.47 -21.42 17.74
CA THR B 86 20.53 -21.45 18.75
C THR B 86 21.85 -21.13 18.04
N ILE B 87 22.55 -20.10 18.55
CA ILE B 87 23.69 -19.48 17.89
C ILE B 87 24.94 -19.61 18.77
N ARG B 88 26.08 -19.95 18.13
CA ARG B 88 27.39 -19.74 18.72
C ARG B 88 28.03 -18.55 18.00
N ASP B 89 28.53 -17.58 18.78
CA ASP B 89 28.90 -16.28 18.25
C ASP B 89 30.24 -16.37 17.51
N ARG B 90 30.22 -16.03 16.21
CA ARG B 90 31.37 -15.93 15.31
C ARG B 90 32.57 -16.79 15.72
N PRO B 91 32.45 -18.13 15.78
CA PRO B 91 33.50 -18.98 16.35
C PRO B 91 34.80 -19.09 15.56
N PHE B 92 34.80 -18.72 14.27
CA PHE B 92 36.03 -18.74 13.51
C PHE B 92 36.76 -17.39 13.59
N GLU B 93 36.25 -16.45 14.37
CA GLU B 93 36.77 -15.08 14.38
C GLU B 93 37.27 -14.70 15.76
N ARG B 94 38.02 -13.59 15.79
CA ARG B 94 38.59 -13.04 17.01
C ARG B 94 38.67 -11.53 16.84
N THR B 95 38.69 -10.80 17.95
CA THR B 95 38.76 -9.34 17.87
C THR B 95 40.06 -8.86 18.52
N ILE B 96 40.67 -7.85 17.88
CA ILE B 96 41.95 -7.30 18.30
C ILE B 96 41.71 -5.81 18.49
N THR B 97 42.10 -5.28 19.66
CA THR B 97 41.95 -3.85 19.93
C THR B 97 43.30 -3.14 19.78
N MET B 98 43.28 -2.06 19.00
CA MET B 98 44.49 -1.30 18.72
C MET B 98 44.25 0.19 19.00
N HIS B 99 45.35 0.98 19.07
CA HIS B 99 45.25 2.43 19.28
C HIS B 99 46.06 3.12 18.19
N LYS B 100 45.41 4.08 17.52
CA LYS B 100 46.05 4.81 16.44
C LYS B 100 47.21 5.61 17.01
N ASP B 101 48.30 5.66 16.24
CA ASP B 101 49.50 6.37 16.66
C ASP B 101 49.27 7.86 16.39
N SER B 102 50.36 8.64 16.46
CA SER B 102 50.33 10.07 16.21
C SER B 102 49.85 10.38 14.79
N THR B 103 50.22 9.53 13.81
CA THR B 103 49.88 9.73 12.41
C THR B 103 48.51 9.14 12.09
N GLY B 104 47.83 8.55 13.09
CA GLY B 104 46.49 7.99 12.89
C GLY B 104 46.50 6.58 12.27
N HIS B 105 47.61 5.86 12.45
CA HIS B 105 47.77 4.50 11.94
C HIS B 105 47.77 3.52 13.09
N VAL B 106 47.34 2.27 12.82
CA VAL B 106 47.43 1.20 13.81
C VAL B 106 48.55 0.23 13.47
N GLY B 107 48.83 0.08 12.17
CA GLY B 107 50.11 -0.46 11.74
C GLY B 107 50.02 -1.75 10.93
N PHE B 108 49.20 -1.76 9.87
CA PHE B 108 49.25 -2.91 8.98
C PHE B 108 48.95 -2.50 7.53
N ILE B 109 49.28 -3.43 6.64
CA ILE B 109 48.97 -3.35 5.23
C ILE B 109 47.95 -4.44 4.92
N PHE B 110 46.95 -4.11 4.12
CA PHE B 110 45.99 -5.11 3.67
C PHE B 110 45.69 -4.95 2.19
N LYS B 111 45.06 -5.99 1.61
CA LYS B 111 44.69 -6.01 0.22
C LYS B 111 43.56 -7.01 0.02
N ASN B 112 42.50 -6.59 -0.70
CA ASN B 112 41.26 -7.35 -0.87
C ASN B 112 40.72 -7.78 0.50
N GLY B 113 40.81 -6.87 1.50
CA GLY B 113 40.34 -7.15 2.84
C GLY B 113 41.23 -8.09 3.65
N LYS B 114 42.32 -8.60 3.05
CA LYS B 114 43.24 -9.50 3.74
C LYS B 114 44.49 -8.79 4.22
N ILE B 115 44.79 -8.93 5.52
CA ILE B 115 46.01 -8.35 6.13
C ILE B 115 47.24 -9.08 5.58
N THR B 116 48.24 -8.30 5.09
CA THR B 116 49.38 -8.89 4.38
C THR B 116 50.70 -8.55 5.04
N SER B 117 50.74 -7.47 5.83
CA SER B 117 51.96 -7.11 6.53
C SER B 117 51.61 -6.36 7.83
N ILE B 118 52.45 -6.57 8.85
CA ILE B 118 52.34 -5.88 10.14
C ILE B 118 53.50 -4.89 10.23
N VAL B 119 53.22 -3.64 10.55
CA VAL B 119 54.25 -2.62 10.67
C VAL B 119 54.97 -2.72 12.02
N LYS B 120 56.32 -2.75 11.95
CA LYS B 120 57.24 -2.77 13.08
C LYS B 120 56.89 -1.67 14.09
N ASP B 121 56.95 -2.02 15.38
CA ASP B 121 56.67 -1.13 16.50
C ASP B 121 55.31 -0.43 16.42
N SER B 122 54.33 -1.05 15.73
CA SER B 122 52.99 -0.50 15.69
C SER B 122 52.12 -1.08 16.82
N SER B 123 50.92 -0.50 16.95
CA SER B 123 49.90 -1.02 17.85
C SER B 123 49.48 -2.43 17.40
N ALA B 124 49.39 -2.62 16.07
CA ALA B 124 49.12 -3.92 15.46
C ALA B 124 50.15 -4.94 15.88
N ALA B 125 51.43 -4.55 15.79
CA ALA B 125 52.53 -5.37 16.26
C ALA B 125 52.38 -5.70 17.75
N ARG B 126 52.14 -4.67 18.58
CA ARG B 126 52.07 -4.87 20.03
C ARG B 126 50.95 -5.85 20.43
N ASN B 127 49.83 -5.79 19.70
CA ASN B 127 48.62 -6.55 20.01
C ASN B 127 48.55 -7.86 19.21
N GLY B 128 49.57 -8.15 18.39
CA GLY B 128 49.75 -9.44 17.76
C GLY B 128 48.75 -9.73 16.64
N LEU B 129 48.43 -8.69 15.85
CA LEU B 129 47.66 -8.86 14.63
C LEU B 129 48.43 -9.81 13.70
N LEU B 130 47.67 -10.64 12.97
CA LEU B 130 48.22 -11.67 12.13
C LEU B 130 47.94 -11.35 10.66
N THR B 131 48.83 -11.82 9.79
CA THR B 131 48.61 -11.75 8.36
C THR B 131 47.80 -12.96 7.93
N GLU B 132 47.41 -12.99 6.64
CA GLU B 132 46.66 -14.10 6.09
C GLU B 132 45.34 -14.25 6.86
N HIS B 133 44.77 -13.11 7.28
CA HIS B 133 43.49 -13.03 7.95
C HIS B 133 42.65 -11.98 7.24
N ASN B 134 41.39 -12.30 6.96
CA ASN B 134 40.46 -11.35 6.40
C ASN B 134 39.84 -10.51 7.51
N ILE B 135 39.70 -9.21 7.20
CA ILE B 135 38.99 -8.26 8.05
C ILE B 135 37.51 -8.49 7.86
N CYS B 136 36.79 -8.84 8.95
CA CYS B 136 35.36 -9.08 8.87
C CYS B 136 34.59 -7.87 9.41
N GLU B 137 35.15 -7.23 10.44
CA GLU B 137 34.45 -6.12 11.08
C GLU B 137 35.48 -5.14 11.61
N ILE B 138 35.07 -3.86 11.65
CA ILE B 138 35.76 -2.78 12.32
C ILE B 138 34.78 -2.14 13.29
N ASN B 139 35.18 -2.08 14.56
CA ASN B 139 34.31 -1.58 15.63
C ASN B 139 32.93 -2.23 15.58
N GLY B 140 32.86 -3.54 15.36
CA GLY B 140 31.58 -4.23 15.30
C GLY B 140 30.82 -4.07 13.99
N GLN B 141 31.33 -3.27 13.05
CA GLN B 141 30.65 -3.06 11.79
C GLN B 141 31.21 -3.98 10.70
N ASN B 142 30.31 -4.73 10.07
CA ASN B 142 30.64 -5.63 8.99
C ASN B 142 31.19 -4.80 7.81
N VAL B 143 32.37 -5.20 7.30
CA VAL B 143 33.00 -4.54 6.16
C VAL B 143 33.23 -5.51 5.01
N ILE B 144 32.52 -6.65 5.00
CA ILE B 144 32.73 -7.67 4.00
C ILE B 144 32.07 -7.32 2.67
N GLY B 145 32.88 -7.31 1.61
CA GLY B 145 32.38 -6.92 0.29
C GLY B 145 32.75 -5.46 -0.07
N LEU B 146 33.17 -4.66 0.91
CA LEU B 146 33.57 -3.28 0.67
C LEU B 146 34.95 -3.24 0.03
N LYS B 147 35.24 -2.13 -0.63
CA LYS B 147 36.53 -1.95 -1.29
C LYS B 147 37.55 -1.51 -0.27
N ASP B 148 38.81 -1.71 -0.61
CA ASP B 148 39.88 -1.40 0.32
C ASP B 148 39.79 0.06 0.74
N SER B 149 39.38 0.93 -0.16
CA SER B 149 39.37 2.36 0.15
C SER B 149 38.27 2.66 1.16
N GLN B 150 37.15 1.95 1.05
CA GLN B 150 36.03 2.08 1.99
C GLN B 150 36.44 1.58 3.37
N ILE B 151 37.21 0.48 3.41
CA ILE B 151 37.72 -0.06 4.66
C ILE B 151 38.71 0.94 5.24
N ALA B 152 39.63 1.47 4.40
CA ALA B 152 40.52 2.57 4.82
C ALA B 152 39.72 3.73 5.43
N ASP B 153 38.65 4.14 4.77
CA ASP B 153 37.89 5.31 5.18
C ASP B 153 37.24 5.09 6.55
N ILE B 154 36.75 3.86 6.79
CA ILE B 154 36.12 3.51 8.05
C ILE B 154 37.16 3.51 9.17
N LEU B 155 38.37 3.06 8.83
CA LEU B 155 39.47 3.04 9.79
C LEU B 155 39.80 4.48 10.17
N SER B 156 39.81 5.37 9.17
CA SER B 156 40.12 6.78 9.39
C SER B 156 39.05 7.42 10.28
N THR B 157 37.76 7.13 10.00
CA THR B 157 36.66 7.81 10.69
C THR B 157 36.40 7.18 12.05
N SER B 158 37.11 6.11 12.38
CA SER B 158 37.06 5.53 13.70
C SER B 158 37.81 6.43 14.67
N GLY B 159 37.52 6.27 15.95
CA GLY B 159 38.27 6.94 16.99
C GLY B 159 39.69 6.43 17.09
N THR B 160 40.38 6.80 18.17
CA THR B 160 41.72 6.34 18.43
C THR B 160 41.71 4.83 18.60
N VAL B 161 40.78 4.36 19.44
CA VAL B 161 40.67 2.95 19.80
C VAL B 161 39.90 2.26 18.67
N VAL B 162 40.56 1.26 18.05
CA VAL B 162 40.04 0.54 16.89
C VAL B 162 39.98 -0.95 17.23
N THR B 163 38.78 -1.54 17.12
CA THR B 163 38.63 -2.98 17.25
C THR B 163 38.46 -3.57 15.85
N ILE B 164 39.27 -4.58 15.52
CA ILE B 164 39.13 -5.33 14.27
C ILE B 164 38.77 -6.77 14.60
N THR B 165 37.81 -7.31 13.86
CA THR B 165 37.42 -8.70 13.94
C THR B 165 37.96 -9.42 12.70
N ILE B 166 38.77 -10.45 12.91
CA ILE B 166 39.48 -11.12 11.83
C ILE B 166 39.15 -12.61 11.79
N MET B 167 39.33 -13.20 10.60
CA MET B 167 39.08 -14.62 10.36
C MET B 167 40.22 -15.17 9.49
N PRO B 168 40.79 -16.36 9.81
CA PRO B 168 41.79 -16.93 8.90
C PRO B 168 41.29 -16.99 7.45
N ALA B 169 42.15 -16.60 6.52
CA ALA B 169 41.81 -16.42 5.13
C ALA B 169 41.26 -17.70 4.50
N PHE B 170 41.85 -18.85 4.85
N PHE B 170 41.83 -18.86 4.84
CA PHE B 170 41.39 -20.13 4.30
CA PHE B 170 41.38 -20.12 4.27
C PHE B 170 39.95 -20.41 4.70
C PHE B 170 39.95 -20.41 4.69
N ILE B 171 39.55 -19.97 5.89
CA ILE B 171 38.20 -20.22 6.37
C ILE B 171 37.26 -19.21 5.71
N PHE B 172 37.67 -17.95 5.67
CA PHE B 172 36.89 -16.93 4.99
C PHE B 172 36.57 -17.34 3.53
N GLU B 173 37.59 -17.77 2.78
CA GLU B 173 37.41 -18.19 1.39
C GLU B 173 36.46 -19.38 1.28
N HIS B 174 36.45 -20.27 2.28
CA HIS B 174 35.49 -21.37 2.28
C HIS B 174 34.04 -20.89 2.53
N ILE B 175 33.88 -19.94 3.45
CA ILE B 175 32.55 -19.47 3.88
C ILE B 175 31.87 -18.72 2.73
N ILE B 176 32.61 -17.98 1.91
CA ILE B 176 31.99 -17.16 0.87
C ILE B 176 31.76 -17.93 -0.43
N LYS B 177 32.20 -19.20 -0.50
CA LYS B 177 31.87 -20.06 -1.63
C LYS B 177 30.37 -20.28 -1.72
N ARG B 178 29.90 -20.45 -2.98
CA ARG B 178 28.50 -20.73 -3.34
C ARG B 178 27.63 -19.49 -3.12
N MET B 179 28.24 -18.31 -3.27
CA MET B 179 27.55 -17.04 -3.18
C MET B 179 28.24 -16.14 -4.21
N ALA B 180 27.44 -15.51 -5.09
CA ALA B 180 27.96 -14.66 -6.15
C ALA B 180 28.56 -13.39 -5.55
N PRO B 181 29.80 -13.01 -5.94
CA PRO B 181 30.41 -11.79 -5.41
C PRO B 181 29.52 -10.55 -5.43
N SER B 182 28.67 -10.43 -6.45
CA SER B 182 27.81 -9.27 -6.65
C SER B 182 26.73 -9.22 -5.58
N ILE B 183 26.27 -10.40 -5.13
CA ILE B 183 25.30 -10.50 -4.04
C ILE B 183 25.96 -10.05 -2.73
N MET B 184 27.18 -10.55 -2.48
CA MET B 184 27.89 -10.29 -1.25
C MET B 184 28.19 -8.80 -1.15
N LYS B 185 28.60 -8.21 -2.28
CA LYS B 185 28.89 -6.79 -2.37
C LYS B 185 27.63 -5.95 -2.18
N SER B 186 26.51 -6.39 -2.76
CA SER B 186 25.33 -5.52 -2.83
C SER B 186 24.42 -5.71 -1.62
N LEU B 187 24.45 -6.89 -0.96
CA LEU B 187 23.40 -7.24 -0.02
C LEU B 187 23.88 -7.30 1.42
N MET B 188 25.20 -7.39 1.64
CA MET B 188 25.73 -7.62 2.98
C MET B 188 25.44 -6.42 3.89
N ASP B 189 24.92 -6.72 5.08
CA ASP B 189 24.68 -5.75 6.16
C ASP B 189 25.97 -5.04 6.53
N HIS B 190 25.96 -3.70 6.48
CA HIS B 190 27.07 -2.86 6.95
C HIS B 190 26.53 -1.86 7.97
N THR B 191 25.39 -2.18 8.58
CA THR B 191 24.84 -1.41 9.69
C THR B 191 25.84 -1.17 10.81
N ILE B 192 25.79 0.06 11.32
CA ILE B 192 26.54 0.38 12.51
C ILE B 192 25.74 -0.14 13.70
N PRO B 193 26.40 -0.89 14.62
CA PRO B 193 25.72 -1.45 15.78
C PRO B 193 25.11 -0.37 16.69
N GLU B 194 23.88 -0.65 17.10
CA GLU B 194 23.06 0.26 17.89
C GLU B 194 23.00 -0.24 19.33
N VAL B 195 22.30 0.54 20.15
CA VAL B 195 22.02 0.10 21.50
C VAL B 195 20.54 0.38 21.77
N ALA C 3 -31.00 -2.78 2.25
CA ALA C 3 -29.56 -2.90 1.93
C ALA C 3 -28.99 -4.27 2.34
N GLU C 4 -29.61 -4.97 3.31
CA GLU C 4 -29.01 -6.16 3.92
C GLU C 4 -29.02 -7.33 2.93
N ILE C 5 -27.85 -7.97 2.73
CA ILE C 5 -27.67 -9.04 1.74
C ILE C 5 -28.36 -10.31 2.28
N LYS C 6 -29.40 -10.79 1.56
CA LYS C 6 -30.12 -12.01 1.92
C LYS C 6 -29.33 -13.24 1.47
N GLN C 7 -29.26 -14.28 2.32
CA GLN C 7 -28.60 -15.52 1.92
C GLN C 7 -29.61 -16.43 1.22
N GLY C 8 -29.07 -17.36 0.43
CA GLY C 8 -29.88 -18.21 -0.38
C GLY C 8 -30.62 -17.41 -1.47
N ILE C 9 -31.70 -18.05 -1.88
CA ILE C 9 -32.19 -17.99 -3.23
C ILE C 9 -33.68 -17.66 -3.16
N ARG C 10 -34.14 -16.74 -3.99
CA ARG C 10 -35.57 -16.47 -4.10
C ARG C 10 -36.01 -16.53 -5.57
N GLU C 11 -37.29 -16.84 -5.77
CA GLU C 11 -37.90 -16.82 -7.08
C GLU C 11 -38.58 -15.48 -7.26
N VAL C 12 -38.44 -14.88 -8.44
CA VAL C 12 -39.23 -13.71 -8.83
C VAL C 12 -40.00 -14.07 -10.10
N ILE C 13 -41.19 -13.48 -10.23
CA ILE C 13 -42.08 -13.72 -11.36
C ILE C 13 -42.39 -12.37 -12.00
N LEU C 14 -42.14 -12.24 -13.30
CA LEU C 14 -42.21 -10.98 -14.03
C LEU C 14 -43.17 -11.12 -15.21
N CYS C 15 -43.58 -9.96 -15.72
CA CYS C 15 -44.36 -9.80 -16.93
C CYS C 15 -43.74 -8.68 -17.77
N LYS C 16 -43.56 -8.95 -19.07
CA LYS C 16 -43.06 -7.92 -19.97
C LYS C 16 -44.01 -6.72 -19.92
N ASP C 17 -43.47 -5.51 -20.06
CA ASP C 17 -44.30 -4.32 -20.11
C ASP C 17 -44.89 -4.18 -21.51
N GLN C 18 -45.55 -3.05 -21.74
CA GLN C 18 -46.28 -2.80 -22.98
C GLN C 18 -45.33 -2.65 -24.16
N ASP C 19 -44.05 -2.34 -23.91
CA ASP C 19 -43.05 -2.30 -24.97
C ASP C 19 -42.37 -3.67 -25.16
N GLY C 20 -42.76 -4.70 -24.39
CA GLY C 20 -42.14 -6.02 -24.48
C GLY C 20 -40.80 -6.12 -23.75
N LYS C 21 -40.56 -5.20 -22.79
CA LYS C 21 -39.32 -5.08 -22.04
C LYS C 21 -39.53 -5.58 -20.61
N ILE C 22 -38.44 -6.01 -19.94
CA ILE C 22 -38.46 -6.20 -18.49
C ILE C 22 -37.56 -5.18 -17.80
N GLY C 23 -36.68 -4.51 -18.55
CA GLY C 23 -35.85 -3.46 -17.97
C GLY C 23 -34.56 -4.00 -17.32
N LEU C 24 -33.88 -4.96 -17.99
CA LEU C 24 -32.64 -5.57 -17.50
C LEU C 24 -31.52 -5.54 -18.55
N ARG C 25 -30.28 -5.44 -18.08
CA ARG C 25 -29.15 -5.96 -18.82
C ARG C 25 -28.43 -6.96 -17.92
N LEU C 26 -27.91 -8.01 -18.54
CA LEU C 26 -27.29 -9.14 -17.87
C LEU C 26 -25.87 -9.31 -18.39
N LYS C 27 -25.00 -9.94 -17.58
CA LYS C 27 -23.57 -10.02 -17.87
C LYS C 27 -23.03 -11.35 -17.38
N SER C 28 -22.34 -12.07 -18.27
CA SER C 28 -21.61 -13.29 -17.95
C SER C 28 -20.40 -12.94 -17.11
N ILE C 29 -20.33 -13.55 -15.90
CA ILE C 29 -19.19 -13.39 -15.01
C ILE C 29 -18.88 -14.76 -14.39
N ASP C 30 -17.65 -15.24 -14.58
CA ASP C 30 -17.20 -16.46 -13.91
C ASP C 30 -18.17 -17.60 -14.14
N ASN C 31 -18.77 -17.68 -15.34
CA ASN C 31 -19.72 -18.72 -15.73
C ASN C 31 -21.06 -18.65 -14.99
N GLY C 32 -21.33 -17.50 -14.34
CA GLY C 32 -22.68 -17.18 -13.96
C GLY C 32 -23.21 -16.00 -14.78
N ILE C 33 -24.46 -15.64 -14.50
CA ILE C 33 -25.11 -14.48 -15.10
C ILE C 33 -25.51 -13.51 -14.00
N PHE C 34 -25.10 -12.24 -14.15
CA PHE C 34 -25.34 -11.19 -13.17
C PHE C 34 -26.04 -9.99 -13.80
N VAL C 35 -26.75 -9.22 -12.95
CA VAL C 35 -27.45 -8.01 -13.37
C VAL C 35 -26.46 -6.87 -13.45
N GLN C 36 -26.32 -6.30 -14.67
CA GLN C 36 -25.42 -5.18 -14.87
C GLN C 36 -26.19 -3.85 -14.92
N LEU C 37 -27.49 -3.94 -15.19
CA LEU C 37 -28.35 -2.75 -15.12
C LEU C 37 -29.80 -3.16 -14.88
N VAL C 38 -30.45 -2.44 -13.96
CA VAL C 38 -31.89 -2.46 -13.77
C VAL C 38 -32.42 -1.07 -14.12
N GLN C 39 -33.43 -1.00 -14.99
CA GLN C 39 -34.02 0.29 -15.38
C GLN C 39 -35.07 0.74 -14.36
N ALA C 40 -35.07 2.02 -14.02
CA ALA C 40 -36.09 2.57 -13.12
C ALA C 40 -37.48 2.39 -13.73
N ASN C 41 -38.48 2.11 -12.90
N ASN C 41 -38.45 2.19 -12.84
CA ASN C 41 -39.86 2.03 -13.35
CA ASN C 41 -39.86 1.85 -13.10
C ASN C 41 -40.02 0.93 -14.38
C ASN C 41 -40.01 0.92 -14.29
N SER C 42 -39.33 -0.21 -14.18
CA SER C 42 -39.43 -1.32 -15.11
C SER C 42 -40.02 -2.47 -14.33
N PRO C 43 -40.51 -3.53 -15.01
CA PRO C 43 -40.94 -4.74 -14.33
C PRO C 43 -39.85 -5.34 -13.41
N ALA C 44 -38.58 -5.16 -13.80
CA ALA C 44 -37.48 -5.74 -13.05
C ALA C 44 -37.30 -5.02 -11.72
N SER C 45 -37.27 -3.68 -11.76
CA SER C 45 -37.21 -2.87 -10.55
C SER C 45 -38.40 -3.18 -9.62
N LEU C 46 -39.63 -3.17 -10.17
CA LEU C 46 -40.84 -3.29 -9.38
C LEU C 46 -40.85 -4.61 -8.62
N VAL C 47 -40.23 -5.65 -9.18
CA VAL C 47 -40.25 -6.95 -8.51
C VAL C 47 -39.00 -7.09 -7.61
N GLY C 48 -38.13 -6.08 -7.58
CA GLY C 48 -37.05 -6.00 -6.59
C GLY C 48 -35.70 -6.53 -7.06
N LEU C 49 -35.49 -6.71 -8.38
CA LEU C 49 -34.16 -7.04 -8.89
C LEU C 49 -33.23 -5.86 -8.76
N ARG C 50 -31.96 -6.17 -8.44
CA ARG C 50 -30.93 -5.19 -8.14
C ARG C 50 -29.65 -5.46 -8.93
N PHE C 51 -28.92 -4.37 -9.23
CA PHE C 51 -27.55 -4.47 -9.71
C PHE C 51 -26.78 -5.49 -8.86
N GLY C 52 -26.11 -6.42 -9.53
CA GLY C 52 -25.24 -7.36 -8.84
C GLY C 52 -25.92 -8.68 -8.51
N ASP C 53 -27.24 -8.75 -8.66
CA ASP C 53 -27.96 -9.98 -8.42
C ASP C 53 -27.50 -11.05 -9.41
N GLN C 54 -27.46 -12.31 -8.96
CA GLN C 54 -27.11 -13.45 -9.80
C GLN C 54 -28.41 -14.14 -10.24
N VAL C 55 -28.54 -14.40 -11.54
CA VAL C 55 -29.64 -15.18 -12.08
C VAL C 55 -29.20 -16.63 -12.29
N LEU C 56 -29.81 -17.53 -11.52
CA LEU C 56 -29.47 -18.94 -11.45
C LEU C 56 -30.25 -19.71 -12.53
N GLN C 57 -31.55 -19.45 -12.59
CA GLN C 57 -32.43 -20.03 -13.58
C GLN C 57 -33.31 -18.95 -14.22
N ILE C 58 -33.64 -19.16 -15.49
CA ILE C 58 -34.73 -18.47 -16.16
C ILE C 58 -35.71 -19.51 -16.67
N ASN C 59 -36.98 -19.36 -16.28
CA ASN C 59 -38.04 -20.30 -16.61
C ASN C 59 -37.56 -21.73 -16.31
N GLY C 60 -36.86 -21.92 -15.19
CA GLY C 60 -36.49 -23.25 -14.72
C GLY C 60 -35.30 -23.86 -15.45
N GLU C 61 -34.64 -23.11 -16.35
CA GLU C 61 -33.40 -23.55 -16.98
C GLU C 61 -32.20 -22.84 -16.38
N ASN C 62 -31.12 -23.59 -16.14
CA ASN C 62 -29.88 -23.09 -15.55
C ASN C 62 -29.20 -22.09 -16.48
N CYS C 63 -28.70 -20.98 -15.92
CA CYS C 63 -27.99 -19.96 -16.67
C CYS C 63 -26.49 -20.23 -16.74
N ALA C 64 -26.05 -21.26 -16.00
CA ALA C 64 -24.64 -21.60 -15.92
C ALA C 64 -24.03 -21.73 -17.32
N GLY C 65 -22.96 -20.98 -17.55
CA GLY C 65 -22.21 -21.09 -18.79
C GLY C 65 -22.73 -20.18 -19.89
N TRP C 66 -23.93 -19.61 -19.74
CA TRP C 66 -24.51 -18.79 -20.78
C TRP C 66 -23.65 -17.56 -21.00
N SER C 67 -23.49 -17.16 -22.27
CA SER C 67 -22.97 -15.83 -22.55
C SER C 67 -24.09 -14.82 -22.28
N SER C 68 -23.70 -13.55 -22.20
CA SER C 68 -24.58 -12.39 -22.09
C SER C 68 -25.61 -12.38 -23.22
N ASP C 69 -25.14 -12.61 -24.45
CA ASP C 69 -25.95 -12.67 -25.66
C ASP C 69 -27.02 -13.73 -25.52
N LYS C 70 -26.63 -14.93 -25.07
CA LYS C 70 -27.57 -16.03 -24.93
C LYS C 70 -28.63 -15.73 -23.88
N ALA C 71 -28.25 -15.08 -22.77
CA ALA C 71 -29.21 -14.76 -21.72
C ALA C 71 -30.27 -13.77 -22.24
N HIS C 72 -29.79 -12.72 -22.91
CA HIS C 72 -30.64 -11.71 -23.55
C HIS C 72 -31.58 -12.33 -24.57
N LYS C 73 -31.08 -13.27 -25.37
CA LYS C 73 -31.87 -13.88 -26.42
C LYS C 73 -32.98 -14.71 -25.80
N VAL C 74 -32.64 -15.49 -24.76
CA VAL C 74 -33.63 -16.30 -24.07
C VAL C 74 -34.80 -15.43 -23.59
N LEU C 75 -34.46 -14.26 -23.02
CA LEU C 75 -35.47 -13.39 -22.42
C LEU C 75 -36.31 -12.74 -23.52
N LYS C 76 -35.67 -12.28 -24.61
CA LYS C 76 -36.35 -11.75 -25.77
C LYS C 76 -37.40 -12.74 -26.27
N GLN C 77 -37.09 -14.05 -26.27
CA GLN C 77 -37.98 -15.03 -26.86
C GLN C 77 -38.99 -15.60 -25.87
N ALA C 78 -38.94 -15.17 -24.61
CA ALA C 78 -39.85 -15.70 -23.59
C ALA C 78 -41.23 -15.03 -23.72
N PHE C 79 -42.28 -15.85 -23.66
CA PHE C 79 -43.63 -15.38 -23.83
C PHE C 79 -44.57 -16.28 -23.06
N GLY C 80 -45.82 -15.84 -22.95
CA GLY C 80 -46.72 -16.34 -21.94
C GLY C 80 -46.83 -15.29 -20.84
N GLU C 81 -47.65 -15.62 -19.84
CA GLU C 81 -47.98 -14.68 -18.78
C GLU C 81 -46.75 -14.35 -17.94
N LYS C 82 -46.00 -15.38 -17.52
CA LYS C 82 -44.96 -15.17 -16.55
C LYS C 82 -43.57 -15.64 -17.02
N ILE C 83 -42.58 -14.80 -16.72
CA ILE C 83 -41.17 -15.17 -16.70
C ILE C 83 -40.75 -15.40 -15.24
N THR C 84 -40.28 -16.62 -14.92
CA THR C 84 -39.76 -16.92 -13.59
C THR C 84 -38.23 -16.85 -13.64
N MET C 85 -37.66 -16.20 -12.63
CA MET C 85 -36.22 -16.15 -12.43
C MET C 85 -35.89 -16.57 -11.00
N THR C 86 -34.86 -17.40 -10.85
CA THR C 86 -34.32 -17.75 -9.55
C THR C 86 -33.06 -16.93 -9.33
N ILE C 87 -33.03 -16.19 -8.21
CA ILE C 87 -32.06 -15.15 -7.92
C ILE C 87 -31.28 -15.49 -6.65
N ARG C 88 -29.95 -15.26 -6.68
CA ARG C 88 -29.15 -15.14 -5.48
C ARG C 88 -28.81 -13.66 -5.30
N ASP C 89 -29.01 -13.16 -4.08
CA ASP C 89 -28.98 -11.73 -3.78
C ASP C 89 -27.54 -11.22 -3.75
N ARG C 90 -27.25 -10.24 -4.62
CA ARG C 90 -26.00 -9.50 -4.68
C ARG C 90 -24.77 -10.22 -4.09
N PRO C 91 -24.33 -11.37 -4.67
CA PRO C 91 -23.30 -12.20 -4.05
C PRO C 91 -21.88 -11.67 -4.02
N PHE C 92 -21.59 -10.68 -4.88
CA PHE C 92 -20.27 -10.08 -4.86
C PHE C 92 -20.19 -8.88 -3.93
N GLU C 93 -21.26 -8.58 -3.19
CA GLU C 93 -21.31 -7.36 -2.42
C GLU C 93 -21.51 -7.64 -0.95
N ARG C 94 -21.23 -6.62 -0.13
N ARG C 94 -21.16 -6.65 -0.11
CA ARG C 94 -21.36 -6.67 1.32
CA ARG C 94 -21.40 -6.70 1.32
C ARG C 94 -21.83 -5.29 1.79
C ARG C 94 -21.83 -5.30 1.79
N THR C 95 -22.47 -5.24 2.95
CA THR C 95 -22.89 -3.96 3.51
C THR C 95 -22.15 -3.69 4.80
N ILE C 96 -21.73 -2.43 4.95
CA ILE C 96 -20.98 -1.97 6.11
C ILE C 96 -21.80 -0.84 6.74
N THR C 97 -22.06 -0.93 8.05
CA THR C 97 -22.81 0.11 8.76
C THR C 97 -21.86 1.00 9.57
N MET C 98 -22.00 2.30 9.38
CA MET C 98 -21.14 3.29 10.02
C MET C 98 -21.98 4.37 10.71
N HIS C 99 -21.34 5.15 11.59
CA HIS C 99 -21.96 6.26 12.32
C HIS C 99 -21.14 7.52 12.08
N LYS C 100 -21.82 8.61 11.75
CA LYS C 100 -21.14 9.87 11.51
C LYS C 100 -20.56 10.34 12.84
N ASP C 101 -19.40 10.99 12.77
CA ASP C 101 -18.81 11.63 13.93
C ASP C 101 -19.56 12.94 14.20
N SER C 102 -19.02 13.75 15.12
CA SER C 102 -19.64 15.00 15.50
C SER C 102 -19.70 15.98 14.33
N THR C 103 -18.71 15.93 13.42
CA THR C 103 -18.65 16.82 12.27
C THR C 103 -19.45 16.25 11.10
N GLY C 104 -20.09 15.09 11.28
CA GLY C 104 -20.93 14.52 10.24
C GLY C 104 -20.15 13.73 9.19
N HIS C 105 -18.95 13.23 9.56
CA HIS C 105 -18.12 12.42 8.67
C HIS C 105 -18.12 10.97 9.17
N VAL C 106 -18.01 9.98 8.27
CA VAL C 106 -17.95 8.57 8.66
C VAL C 106 -16.54 8.01 8.54
N GLY C 107 -15.78 8.58 7.59
CA GLY C 107 -14.33 8.59 7.64
C GLY C 107 -13.69 7.92 6.42
N PHE C 108 -14.07 8.30 5.21
CA PHE C 108 -13.36 7.81 4.05
C PHE C 108 -13.39 8.83 2.92
N ILE C 109 -12.48 8.60 1.96
CA ILE C 109 -12.36 9.37 0.74
C ILE C 109 -12.67 8.43 -0.41
N PHE C 110 -13.40 8.93 -1.42
CA PHE C 110 -13.66 8.15 -2.62
C PHE C 110 -13.49 9.00 -3.88
N LYS C 111 -13.43 8.31 -5.02
CA LYS C 111 -13.19 8.91 -6.31
C LYS C 111 -13.74 7.97 -7.39
N ASN C 112 -14.58 8.50 -8.29
CA ASN C 112 -15.34 7.74 -9.26
C ASN C 112 -16.10 6.61 -8.55
N GLY C 113 -16.69 6.91 -7.38
CA GLY C 113 -17.44 5.93 -6.62
C GLY C 113 -16.57 4.87 -5.90
N LYS C 114 -15.24 4.93 -6.08
CA LYS C 114 -14.31 3.96 -5.52
C LYS C 114 -13.62 4.52 -4.30
N ILE C 115 -13.70 3.79 -3.17
CA ILE C 115 -13.10 4.20 -1.92
C ILE C 115 -11.58 4.13 -2.04
N THR C 116 -10.88 5.20 -1.65
CA THR C 116 -9.46 5.35 -1.92
C THR C 116 -8.67 5.55 -0.64
N SER C 117 -9.30 6.05 0.43
CA SER C 117 -8.60 6.08 1.71
C SER C 117 -9.60 6.04 2.86
N ILE C 118 -9.14 5.51 4.00
CA ILE C 118 -9.90 5.36 5.22
C ILE C 118 -9.26 6.28 6.26
N VAL C 119 -10.08 7.08 6.95
CA VAL C 119 -9.58 8.03 7.94
C VAL C 119 -9.37 7.30 9.27
N LYS C 120 -8.19 7.50 9.86
CA LYS C 120 -7.82 6.89 11.13
C LYS C 120 -8.81 7.30 12.23
N ASP C 121 -9.11 6.35 13.12
CA ASP C 121 -10.04 6.51 14.23
C ASP C 121 -11.42 6.96 13.76
N SER C 122 -11.80 6.64 12.52
CA SER C 122 -13.15 6.90 12.06
C SER C 122 -14.04 5.68 12.28
N SER C 123 -15.34 5.87 12.08
CA SER C 123 -16.31 4.78 12.07
C SER C 123 -16.02 3.80 10.93
N ALA C 124 -15.60 4.34 9.77
CA ALA C 124 -15.15 3.54 8.64
C ALA C 124 -13.99 2.63 9.04
N ALA C 125 -13.01 3.21 9.74
CA ALA C 125 -11.89 2.45 10.29
C ALA C 125 -12.37 1.38 11.27
N ARG C 126 -13.24 1.74 12.21
CA ARG C 126 -13.69 0.83 13.26
C ARG C 126 -14.44 -0.36 12.66
N ASN C 127 -15.19 -0.12 11.58
CA ASN C 127 -16.06 -1.12 10.96
C ASN C 127 -15.36 -1.81 9.78
N GLY C 128 -14.11 -1.41 9.48
CA GLY C 128 -13.24 -2.12 8.56
C GLY C 128 -13.66 -1.97 7.10
N LEU C 129 -14.09 -0.76 6.73
CA LEU C 129 -14.29 -0.40 5.34
C LEU C 129 -12.95 -0.53 4.62
N LEU C 130 -13.01 -1.00 3.37
CA LEU C 130 -11.84 -1.29 2.58
C LEU C 130 -11.72 -0.28 1.44
N THR C 131 -10.49 -0.04 1.00
CA THR C 131 -10.24 0.71 -0.22
C THR C 131 -10.33 -0.24 -1.41
N GLU C 132 -10.27 0.33 -2.61
CA GLU C 132 -10.34 -0.44 -3.83
C GLU C 132 -11.67 -1.21 -3.88
N HIS C 133 -12.73 -0.55 -3.38
CA HIS C 133 -14.08 -1.07 -3.43
C HIS C 133 -15.02 0.00 -4.00
N ASN C 134 -15.92 -0.39 -4.89
CA ASN C 134 -16.90 0.54 -5.44
C ASN C 134 -18.14 0.57 -4.56
N ILE C 135 -18.66 1.79 -4.36
CA ILE C 135 -19.92 2.01 -3.67
C ILE C 135 -21.04 1.69 -4.65
N CYS C 136 -21.89 0.72 -4.29
CA CYS C 136 -22.98 0.30 -5.12
C CYS C 136 -24.30 0.91 -4.60
N GLU C 137 -24.42 1.02 -3.27
CA GLU C 137 -25.65 1.49 -2.65
C GLU C 137 -25.32 2.22 -1.36
N ILE C 138 -26.16 3.24 -1.04
CA ILE C 138 -26.18 3.93 0.23
C ILE C 138 -27.59 3.82 0.82
N ASN C 139 -27.67 3.24 2.03
CA ASN C 139 -28.93 2.95 2.70
C ASN C 139 -29.90 2.27 1.74
N GLY C 140 -29.42 1.24 1.03
CA GLY C 140 -30.27 0.47 0.13
C GLY C 140 -30.56 1.15 -1.22
N GLN C 141 -30.07 2.38 -1.43
CA GLN C 141 -30.34 3.06 -2.69
C GLN C 141 -29.13 2.91 -3.63
N ASN C 142 -29.40 2.39 -4.82
CA ASN C 142 -28.42 2.28 -5.89
C ASN C 142 -27.91 3.68 -6.26
N VAL C 143 -26.58 3.86 -6.27
CA VAL C 143 -25.96 5.13 -6.58
C VAL C 143 -24.99 5.00 -7.77
N ILE C 144 -25.15 3.94 -8.55
CA ILE C 144 -24.21 3.65 -9.63
C ILE C 144 -24.52 4.53 -10.84
N GLY C 145 -23.51 5.25 -11.33
CA GLY C 145 -23.69 6.20 -12.40
C GLY C 145 -23.63 7.65 -11.91
N LEU C 146 -23.90 7.88 -10.61
CA LEU C 146 -23.99 9.23 -10.07
C LEU C 146 -22.61 9.85 -9.91
N LYS C 147 -22.55 11.18 -9.84
CA LYS C 147 -21.29 11.90 -9.75
C LYS C 147 -20.84 11.89 -8.31
N ASP C 148 -19.54 12.10 -8.09
CA ASP C 148 -19.04 12.04 -6.73
C ASP C 148 -19.81 13.02 -5.85
N SER C 149 -20.16 14.18 -6.42
CA SER C 149 -20.79 15.23 -5.63
C SER C 149 -22.19 14.79 -5.20
N GLN C 150 -22.89 14.06 -6.08
CA GLN C 150 -24.20 13.54 -5.78
C GLN C 150 -24.14 12.47 -4.68
N ILE C 151 -23.11 11.64 -4.76
CA ILE C 151 -22.90 10.60 -3.75
C ILE C 151 -22.56 11.29 -2.44
N ALA C 152 -21.66 12.28 -2.47
CA ALA C 152 -21.37 13.12 -1.29
C ALA C 152 -22.67 13.67 -0.70
N ASP C 153 -23.56 14.20 -1.54
CA ASP C 153 -24.74 14.90 -1.07
C ASP C 153 -25.70 13.93 -0.38
N ILE C 154 -25.80 12.70 -0.92
CA ILE C 154 -26.63 11.64 -0.35
C ILE C 154 -26.08 11.22 1.01
N LEU C 155 -24.74 11.20 1.12
CA LEU C 155 -24.08 10.85 2.36
C LEU C 155 -24.42 11.91 3.39
N SER C 156 -24.37 13.19 2.98
CA SER C 156 -24.71 14.31 3.86
C SER C 156 -26.15 14.20 4.34
N THR C 157 -27.09 13.92 3.42
CA THR C 157 -28.52 13.98 3.75
C THR C 157 -28.97 12.70 4.44
N SER C 158 -28.07 11.72 4.57
CA SER C 158 -28.36 10.54 5.36
C SER C 158 -28.32 10.91 6.83
N GLY C 159 -28.93 10.09 7.67
CA GLY C 159 -28.81 10.30 9.09
C GLY C 159 -27.43 9.91 9.59
N THR C 160 -27.31 9.76 10.91
CA THR C 160 -26.07 9.39 11.56
C THR C 160 -25.61 8.02 11.04
N VAL C 161 -26.55 7.07 11.09
CA VAL C 161 -26.31 5.68 10.71
C VAL C 161 -26.37 5.59 9.19
N VAL C 162 -25.24 5.20 8.59
CA VAL C 162 -25.07 5.09 7.15
C VAL C 162 -24.65 3.67 6.81
N THR C 163 -25.44 2.99 5.98
CA THR C 163 -25.12 1.68 5.46
C THR C 163 -24.65 1.84 4.01
N ILE C 164 -23.44 1.31 3.75
CA ILE C 164 -22.90 1.32 2.39
C ILE C 164 -22.77 -0.13 1.90
N THR C 165 -23.23 -0.35 0.67
CA THR C 165 -23.04 -1.63 0.00
C THR C 165 -21.89 -1.51 -0.98
N ILE C 166 -20.86 -2.34 -0.81
CA ILE C 166 -19.62 -2.20 -1.57
C ILE C 166 -19.29 -3.51 -2.28
N MET C 167 -18.49 -3.38 -3.34
CA MET C 167 -18.12 -4.49 -4.22
C MET C 167 -16.64 -4.29 -4.57
N PRO C 168 -15.78 -5.33 -4.49
CA PRO C 168 -14.40 -5.19 -4.94
C PRO C 168 -14.35 -4.60 -6.35
N ALA C 169 -13.44 -3.63 -6.53
CA ALA C 169 -13.39 -2.79 -7.71
C ALA C 169 -13.17 -3.61 -8.96
N PHE C 170 -12.33 -4.67 -8.89
N PHE C 170 -12.32 -4.65 -8.89
CA PHE C 170 -12.02 -5.44 -10.08
CA PHE C 170 -12.02 -5.45 -10.07
C PHE C 170 -13.25 -6.22 -10.51
C PHE C 170 -13.26 -6.21 -10.50
N ILE C 171 -14.15 -6.55 -9.58
CA ILE C 171 -15.37 -7.24 -9.96
C ILE C 171 -16.37 -6.23 -10.53
N PHE C 172 -16.49 -5.09 -9.89
CA PHE C 172 -17.36 -4.02 -10.39
C PHE C 172 -16.99 -3.63 -11.83
N GLU C 173 -15.70 -3.41 -12.08
CA GLU C 173 -15.19 -3.07 -13.41
C GLU C 173 -15.48 -4.16 -14.42
N HIS C 174 -15.51 -5.43 -14.00
CA HIS C 174 -15.87 -6.51 -14.91
C HIS C 174 -17.36 -6.49 -15.25
N ILE C 175 -18.21 -6.22 -14.23
CA ILE C 175 -19.65 -6.25 -14.42
C ILE C 175 -20.08 -5.13 -15.38
N ILE C 176 -19.46 -3.95 -15.31
CA ILE C 176 -19.93 -2.80 -16.06
C ILE C 176 -19.31 -2.75 -17.47
N LYS C 177 -18.43 -3.70 -17.81
CA LYS C 177 -18.01 -3.92 -19.20
C LYS C 177 -19.20 -4.26 -20.07
N ARG C 178 -19.10 -3.88 -21.35
CA ARG C 178 -20.12 -4.09 -22.38
C ARG C 178 -21.31 -3.17 -22.16
N MET C 179 -21.06 -1.99 -21.55
CA MET C 179 -22.08 -1.00 -21.31
C MET C 179 -21.37 0.34 -21.32
N ALA C 180 -21.88 1.29 -22.12
CA ALA C 180 -21.32 2.63 -22.20
C ALA C 180 -21.63 3.38 -20.91
N PRO C 181 -20.65 4.07 -20.29
CA PRO C 181 -20.92 4.91 -19.12
C PRO C 181 -22.16 5.79 -19.19
N SER C 182 -22.47 6.33 -20.38
CA SER C 182 -23.59 7.24 -20.56
C SER C 182 -24.93 6.53 -20.41
N ILE C 183 -24.94 5.24 -20.82
CA ILE C 183 -26.12 4.38 -20.67
C ILE C 183 -26.34 4.08 -19.18
N MET C 184 -25.25 3.74 -18.48
CA MET C 184 -25.29 3.37 -17.08
C MET C 184 -25.78 4.57 -16.27
N LYS C 185 -25.26 5.75 -16.61
CA LYS C 185 -25.62 6.99 -15.94
C LYS C 185 -27.08 7.35 -16.20
N SER C 186 -27.57 7.12 -17.42
CA SER C 186 -28.88 7.60 -17.80
C SER C 186 -29.99 6.61 -17.47
N LEU C 187 -29.69 5.30 -17.37
CA LEU C 187 -30.77 4.31 -17.30
C LEU C 187 -30.90 3.62 -15.92
N MET C 188 -29.85 3.67 -15.10
CA MET C 188 -29.77 2.83 -13.91
C MET C 188 -30.77 3.31 -12.85
N ASP C 189 -31.55 2.36 -12.33
CA ASP C 189 -32.46 2.53 -11.20
C ASP C 189 -31.76 3.16 -10.00
N HIS C 190 -32.25 4.34 -9.59
CA HIS C 190 -31.85 5.02 -8.37
C HIS C 190 -33.07 5.27 -7.48
N THR C 191 -34.13 4.49 -7.72
CA THR C 191 -35.35 4.44 -6.94
C THR C 191 -35.13 4.24 -5.46
N ILE C 192 -36.03 4.83 -4.67
CA ILE C 192 -36.17 4.48 -3.27
C ILE C 192 -37.52 3.76 -3.20
N PRO C 193 -37.55 2.42 -3.09
CA PRO C 193 -38.79 1.67 -3.32
C PRO C 193 -39.83 1.99 -2.24
N GLU C 194 -39.35 2.16 -1.00
CA GLU C 194 -40.24 2.43 0.11
C GLU C 194 -39.47 3.13 1.22
N VAL C 195 -40.24 3.67 2.14
CA VAL C 195 -39.66 4.55 3.13
C VAL C 195 -40.23 4.15 4.49
N ILE D 5 -3.00 40.79 -3.37
CA ILE D 5 -2.07 41.62 -4.20
C ILE D 5 -2.31 43.11 -3.86
N LYS D 6 -1.29 43.73 -3.23
CA LYS D 6 -1.37 45.11 -2.73
C LYS D 6 -1.18 46.10 -3.88
N GLN D 7 -1.97 47.17 -3.88
CA GLN D 7 -1.86 48.23 -4.88
C GLN D 7 -0.78 49.22 -4.47
N GLY D 8 -0.21 49.91 -5.46
CA GLY D 8 0.93 50.76 -5.25
C GLY D 8 2.15 50.00 -4.73
N ILE D 9 2.94 50.75 -3.96
CA ILE D 9 4.38 50.61 -3.91
C ILE D 9 4.77 50.52 -2.43
N ARG D 10 5.67 49.60 -2.08
CA ARG D 10 6.29 49.63 -0.76
C ARG D 10 7.82 49.70 -0.88
N GLU D 11 8.45 50.27 0.14
CA GLU D 11 9.90 50.24 0.30
C GLU D 11 10.25 49.03 1.15
N VAL D 12 11.31 48.34 0.76
CA VAL D 12 11.86 47.21 1.49
C VAL D 12 13.33 47.53 1.76
N ILE D 13 13.83 47.16 2.95
CA ILE D 13 15.17 47.51 3.37
C ILE D 13 15.86 46.21 3.79
N LEU D 14 16.99 45.85 3.17
CA LEU D 14 17.55 44.55 3.52
C LEU D 14 19.07 44.62 3.56
N CYS D 15 19.68 43.48 3.90
CA CYS D 15 21.06 43.38 4.32
C CYS D 15 21.64 42.11 3.72
N LYS D 16 22.78 42.24 3.06
CA LYS D 16 23.41 41.08 2.44
C LYS D 16 23.73 40.07 3.50
N ASP D 17 23.69 38.78 3.15
CA ASP D 17 24.11 37.75 4.08
C ASP D 17 25.63 37.63 4.10
N GLN D 18 26.13 36.62 4.81
CA GLN D 18 27.54 36.38 5.04
C GLN D 18 28.30 36.09 3.74
N ASP D 19 27.59 35.61 2.71
CA ASP D 19 28.21 35.37 1.41
C ASP D 19 28.11 36.58 0.50
N GLY D 20 27.52 37.69 0.98
CA GLY D 20 27.29 38.87 0.15
C GLY D 20 26.09 38.74 -0.79
N LYS D 21 25.16 37.83 -0.46
CA LYS D 21 23.99 37.53 -1.28
C LYS D 21 22.72 38.13 -0.67
N ILE D 22 21.70 38.42 -1.50
CA ILE D 22 20.38 38.75 -0.99
C ILE D 22 19.37 37.67 -1.34
N GLY D 23 19.70 36.76 -2.26
CA GLY D 23 18.81 35.67 -2.61
C GLY D 23 17.72 36.08 -3.62
N LEU D 24 18.15 36.73 -4.72
CA LEU D 24 17.28 37.18 -5.82
C LEU D 24 17.83 36.75 -7.19
N ARG D 25 16.93 36.46 -8.14
CA ARG D 25 17.28 36.58 -9.54
C ARG D 25 16.26 37.49 -10.20
N LEU D 26 16.71 38.29 -11.15
CA LEU D 26 15.93 39.36 -11.72
C LEU D 26 15.86 39.17 -13.24
N LYS D 27 14.80 39.75 -13.85
CA LYS D 27 14.58 39.56 -15.27
C LYS D 27 14.02 40.84 -15.85
N SER D 28 14.68 41.28 -16.95
CA SER D 28 14.19 42.38 -17.77
C SER D 28 12.94 41.91 -18.51
N ILE D 29 11.84 42.63 -18.30
CA ILE D 29 10.58 42.38 -19.01
C ILE D 29 9.96 43.72 -19.33
N ASP D 30 9.69 43.97 -20.63
CA ASP D 30 8.98 45.15 -21.06
C ASP D 30 9.63 46.41 -20.46
N ASN D 31 10.96 46.43 -20.37
CA ASN D 31 11.73 47.57 -19.82
C ASN D 31 11.50 47.81 -18.33
N GLY D 32 10.99 46.79 -17.64
CA GLY D 32 11.05 46.77 -16.19
C GLY D 32 11.92 45.64 -15.73
N ILE D 33 12.10 45.60 -14.40
CA ILE D 33 12.84 44.53 -13.78
C ILE D 33 11.89 43.80 -12.81
N PHE D 34 11.86 42.48 -12.95
CA PHE D 34 10.96 41.63 -12.18
C PHE D 34 11.76 40.52 -11.53
N VAL D 35 11.22 40.06 -10.38
CA VAL D 35 11.82 38.96 -9.65
C VAL D 35 11.41 37.66 -10.33
N GLN D 36 12.41 36.90 -10.77
CA GLN D 36 12.25 35.61 -11.41
C GLN D 36 12.51 34.48 -10.41
N LEU D 37 13.18 34.81 -9.27
CA LEU D 37 13.38 33.88 -8.18
C LEU D 37 13.66 34.61 -6.86
N VAL D 38 12.97 34.15 -5.81
CA VAL D 38 13.34 34.46 -4.43
C VAL D 38 13.81 33.16 -3.77
N GLN D 39 15.03 33.19 -3.23
CA GLN D 39 15.66 32.00 -2.65
C GLN D 39 15.15 31.79 -1.23
N ALA D 40 14.89 30.53 -0.90
CA ALA D 40 14.45 30.14 0.43
C ALA D 40 15.54 30.53 1.43
N ASN D 41 15.13 31.00 2.62
CA ASN D 41 16.05 31.29 3.70
C ASN D 41 17.08 32.35 3.28
N SER D 42 16.63 33.37 2.53
CA SER D 42 17.52 34.42 2.09
C SER D 42 17.06 35.72 2.71
N PRO D 43 17.90 36.78 2.68
CA PRO D 43 17.44 38.09 3.12
C PRO D 43 16.19 38.58 2.37
N ALA D 44 16.06 38.17 1.10
CA ALA D 44 14.96 38.63 0.26
C ALA D 44 13.65 37.98 0.70
N SER D 45 13.65 36.66 0.92
CA SER D 45 12.50 35.97 1.52
C SER D 45 12.10 36.57 2.87
N LEU D 46 13.06 36.71 3.76
CA LEU D 46 12.80 37.15 5.13
C LEU D 46 12.14 38.52 5.14
N VAL D 47 12.44 39.38 4.16
CA VAL D 47 11.83 40.71 4.16
C VAL D 47 10.56 40.71 3.31
N GLY D 48 10.21 39.57 2.68
CA GLY D 48 8.89 39.47 2.04
C GLY D 48 8.85 39.87 0.56
N LEU D 49 9.98 39.77 -0.16
CA LEU D 49 9.97 39.81 -1.62
C LEU D 49 9.34 38.52 -2.14
N ARG D 50 8.64 38.64 -3.29
CA ARG D 50 8.06 37.49 -3.98
C ARG D 50 8.38 37.43 -5.48
N PHE D 51 8.36 36.23 -6.02
CA PHE D 51 8.29 35.98 -7.45
C PHE D 51 7.24 36.87 -8.10
N GLY D 52 7.68 37.56 -9.16
CA GLY D 52 6.81 38.41 -9.98
C GLY D 52 6.72 39.83 -9.49
N ASP D 53 7.37 40.14 -8.34
CA ASP D 53 7.42 41.51 -7.86
C ASP D 53 8.22 42.31 -8.87
N GLN D 54 7.83 43.58 -9.03
CA GLN D 54 8.56 44.51 -9.86
C GLN D 54 9.46 45.36 -8.95
N VAL D 55 10.73 45.49 -9.36
CA VAL D 55 11.68 46.37 -8.69
C VAL D 55 11.80 47.70 -9.41
N LEU D 56 11.29 48.77 -8.80
CA LEU D 56 11.17 50.08 -9.41
C LEU D 56 12.47 50.86 -9.24
N GLN D 57 12.96 50.87 -8.01
CA GLN D 57 14.23 51.48 -7.69
C GLN D 57 15.05 50.51 -6.86
N ILE D 58 16.37 50.64 -7.03
CA ILE D 58 17.32 50.13 -6.07
C ILE D 58 18.14 51.32 -5.57
N ASN D 59 18.20 51.47 -4.24
CA ASN D 59 18.94 52.54 -3.59
C ASN D 59 18.56 53.88 -4.21
N GLY D 60 17.27 54.07 -4.50
CA GLY D 60 16.78 55.35 -5.00
C GLY D 60 17.04 55.61 -6.48
N GLU D 61 17.67 54.68 -7.21
CA GLU D 61 17.86 54.81 -8.65
C GLU D 61 16.91 53.88 -9.42
N ASN D 62 16.31 54.43 -10.47
CA ASN D 62 15.30 53.78 -11.28
C ASN D 62 15.90 52.60 -12.04
N CYS D 63 15.16 51.47 -12.06
CA CYS D 63 15.60 50.25 -12.75
C CYS D 63 15.14 50.23 -14.20
N ALA D 64 14.35 51.23 -14.59
CA ALA D 64 13.69 51.25 -15.87
C ALA D 64 14.73 51.15 -16.98
N GLY D 65 14.55 50.15 -17.86
CA GLY D 65 15.35 49.98 -19.04
C GLY D 65 16.58 49.15 -18.79
N TRP D 66 16.89 48.84 -17.51
CA TRP D 66 18.06 48.05 -17.22
C TRP D 66 17.89 46.66 -17.81
N SER D 67 18.99 46.10 -18.33
CA SER D 67 19.04 44.68 -18.63
C SER D 67 19.15 43.92 -17.31
N SER D 68 18.92 42.60 -17.38
CA SER D 68 19.07 41.67 -16.28
C SER D 68 20.49 41.75 -15.71
N ASP D 69 21.50 41.74 -16.61
CA ASP D 69 22.91 41.84 -16.24
C ASP D 69 23.19 43.10 -15.43
N LYS D 70 22.66 44.24 -15.88
CA LYS D 70 22.88 45.50 -15.18
C LYS D 70 22.25 45.49 -13.79
N ALA D 71 21.07 44.89 -13.65
CA ALA D 71 20.40 44.88 -12.36
C ALA D 71 21.18 44.05 -11.35
N HIS D 72 21.60 42.86 -11.79
CA HIS D 72 22.41 41.94 -11.02
C HIS D 72 23.72 42.60 -10.58
N LYS D 73 24.34 43.35 -11.50
CA LYS D 73 25.63 43.94 -11.25
C LYS D 73 25.47 45.04 -10.20
N VAL D 74 24.42 45.85 -10.34
CA VAL D 74 24.14 46.90 -9.38
C VAL D 74 24.01 46.33 -7.97
N LEU D 75 23.33 45.18 -7.84
CA LEU D 75 23.10 44.58 -6.53
C LEU D 75 24.41 44.03 -5.96
N LYS D 76 25.17 43.32 -6.80
CA LYS D 76 26.48 42.83 -6.42
C LYS D 76 27.36 43.96 -5.87
N GLN D 77 27.33 45.16 -6.48
CA GLN D 77 28.26 46.23 -6.12
C GLN D 77 27.70 47.16 -5.05
N ALA D 78 26.49 46.89 -4.54
CA ALA D 78 25.93 47.68 -3.44
C ALA D 78 26.61 47.33 -2.12
N PHE D 79 26.93 48.35 -1.32
CA PHE D 79 27.40 48.10 0.04
C PHE D 79 26.27 47.44 0.82
N GLY D 80 26.62 46.37 1.56
CA GLY D 80 25.66 45.34 1.92
C GLY D 80 24.80 45.70 3.14
N GLU D 81 25.18 46.79 3.81
CA GLU D 81 24.61 47.15 5.09
C GLU D 81 23.13 47.49 4.94
N LYS D 82 22.80 48.36 3.97
CA LYS D 82 21.40 48.72 3.78
C LYS D 82 21.14 48.91 2.29
N ILE D 83 20.38 47.98 1.70
CA ILE D 83 19.87 48.10 0.34
C ILE D 83 18.37 48.43 0.43
N THR D 84 17.99 49.57 -0.14
CA THR D 84 16.58 49.94 -0.25
C THR D 84 16.09 49.59 -1.66
N MET D 85 14.93 48.94 -1.69
CA MET D 85 14.26 48.58 -2.93
C MET D 85 12.82 49.09 -2.85
N THR D 86 12.40 49.75 -3.94
CA THR D 86 11.01 50.17 -4.07
C THR D 86 10.31 49.13 -4.96
N ILE D 87 9.25 48.53 -4.43
CA ILE D 87 8.61 47.33 -4.98
C ILE D 87 7.17 47.62 -5.34
N ARG D 88 6.75 47.15 -6.53
CA ARG D 88 5.34 47.02 -6.87
C ARG D 88 4.98 45.54 -6.76
N ASP D 89 3.87 45.27 -6.07
CA ASP D 89 3.52 43.91 -5.70
C ASP D 89 2.95 43.15 -6.89
N ARG D 90 3.61 42.04 -7.25
CA ARG D 90 3.18 41.04 -8.23
C ARG D 90 2.24 41.60 -9.31
N PRO D 91 2.71 42.56 -10.14
CA PRO D 91 1.85 43.24 -11.09
C PRO D 91 1.32 42.42 -12.28
N PHE D 92 1.97 41.35 -12.63
CA PHE D 92 1.48 40.49 -13.70
C PHE D 92 0.53 39.40 -13.17
N GLU D 93 0.19 39.43 -11.87
CA GLU D 93 -0.55 38.32 -11.27
C GLU D 93 -1.86 38.81 -10.69
N ARG D 94 -2.80 37.86 -10.48
CA ARG D 94 -4.05 38.17 -9.81
C ARG D 94 -4.46 36.99 -8.93
N THR D 95 -5.34 37.22 -7.96
CA THR D 95 -5.79 36.11 -7.11
C THR D 95 -7.27 35.82 -7.30
N ILE D 96 -7.61 34.55 -7.30
CA ILE D 96 -8.97 34.08 -7.49
C ILE D 96 -9.33 33.26 -6.24
N THR D 97 -10.43 33.62 -5.54
CA THR D 97 -10.85 32.93 -4.34
C THR D 97 -12.01 31.97 -4.66
N MET D 98 -11.86 30.71 -4.28
CA MET D 98 -12.79 29.65 -4.60
C MET D 98 -13.19 28.91 -3.31
N HIS D 99 -14.25 28.07 -3.41
CA HIS D 99 -14.68 27.22 -2.32
C HIS D 99 -14.76 25.79 -2.82
N LYS D 100 -14.19 24.88 -2.04
CA LYS D 100 -14.21 23.47 -2.41
C LYS D 100 -15.65 22.95 -2.32
N ASP D 101 -15.98 22.07 -3.25
CA ASP D 101 -17.29 21.43 -3.30
C ASP D 101 -17.33 20.32 -2.25
N SER D 102 -18.38 19.48 -2.33
CA SER D 102 -18.56 18.37 -1.40
C SER D 102 -17.42 17.34 -1.54
N THR D 103 -16.86 17.18 -2.75
CA THR D 103 -15.77 16.25 -2.98
C THR D 103 -14.41 16.89 -2.72
N GLY D 104 -14.40 18.15 -2.28
CA GLY D 104 -13.16 18.86 -1.95
C GLY D 104 -12.43 19.45 -3.16
N HIS D 105 -13.16 19.68 -4.27
CA HIS D 105 -12.63 20.16 -5.53
C HIS D 105 -13.16 21.57 -5.80
N VAL D 106 -12.45 22.35 -6.63
CA VAL D 106 -12.84 23.71 -6.94
C VAL D 106 -13.21 23.78 -8.43
N GLY D 107 -12.66 22.90 -9.29
CA GLY D 107 -13.23 22.69 -10.61
C GLY D 107 -12.35 23.06 -11.81
N PHE D 108 -11.11 22.58 -11.85
CA PHE D 108 -10.30 22.81 -13.04
C PHE D 108 -9.32 21.68 -13.26
N ILE D 109 -8.78 21.65 -14.47
CA ILE D 109 -7.70 20.78 -14.87
C ILE D 109 -6.47 21.66 -15.14
N PHE D 110 -5.32 21.22 -14.62
CA PHE D 110 -4.07 21.88 -14.94
C PHE D 110 -3.00 20.87 -15.29
N LYS D 111 -1.96 21.38 -15.93
CA LYS D 111 -0.85 20.57 -16.41
C LYS D 111 0.39 21.46 -16.51
N ASN D 112 1.49 21.01 -15.90
CA ASN D 112 2.73 21.79 -15.84
C ASN D 112 2.44 23.14 -15.19
N GLY D 113 1.57 23.14 -14.17
CA GLY D 113 1.16 24.36 -13.46
C GLY D 113 0.21 25.25 -14.28
N LYS D 114 -0.09 24.90 -15.53
CA LYS D 114 -0.93 25.72 -16.40
C LYS D 114 -2.36 25.16 -16.45
N ILE D 115 -3.33 26.02 -16.12
CA ILE D 115 -4.74 25.69 -16.14
C ILE D 115 -5.17 25.52 -17.59
N THR D 116 -5.85 24.39 -17.88
CA THR D 116 -6.12 23.97 -19.25
C THR D 116 -7.61 23.76 -19.48
N SER D 117 -8.41 23.48 -18.44
CA SER D 117 -9.86 23.52 -18.61
C SER D 117 -10.52 23.83 -17.28
N ILE D 118 -11.74 24.39 -17.38
CA ILE D 118 -12.58 24.78 -16.27
C ILE D 118 -13.77 23.85 -16.29
N VAL D 119 -14.13 23.30 -15.13
CA VAL D 119 -15.26 22.38 -15.01
C VAL D 119 -16.55 23.19 -14.91
N LYS D 120 -17.55 22.83 -15.75
CA LYS D 120 -18.87 23.46 -15.79
C LYS D 120 -19.50 23.49 -14.39
N ASP D 121 -20.09 24.65 -14.05
CA ASP D 121 -20.74 24.92 -12.78
C ASP D 121 -19.92 24.53 -11.56
N SER D 122 -18.60 24.69 -11.68
CA SER D 122 -17.67 24.61 -10.56
C SER D 122 -17.48 25.98 -9.91
N SER D 123 -16.79 25.98 -8.76
CA SER D 123 -16.38 27.20 -8.07
C SER D 123 -15.42 28.02 -8.95
N ALA D 124 -14.54 27.31 -9.65
CA ALA D 124 -13.61 27.88 -10.62
C ALA D 124 -14.38 28.60 -11.73
N ALA D 125 -15.43 27.96 -12.27
CA ALA D 125 -16.32 28.56 -13.25
C ALA D 125 -16.99 29.80 -12.67
N ARG D 126 -17.58 29.68 -11.48
CA ARG D 126 -18.33 30.78 -10.87
C ARG D 126 -17.44 32.00 -10.64
N ASN D 127 -16.17 31.77 -10.30
CA ASN D 127 -15.23 32.84 -9.93
C ASN D 127 -14.34 33.25 -11.10
N GLY D 128 -14.55 32.65 -12.27
CA GLY D 128 -13.99 33.12 -13.53
C GLY D 128 -12.50 32.85 -13.67
N LEU D 129 -12.09 31.66 -13.23
CA LEU D 129 -10.74 31.19 -13.48
C LEU D 129 -10.58 31.03 -14.98
N LEU D 130 -9.37 31.32 -15.46
CA LEU D 130 -9.04 31.38 -16.87
C LEU D 130 -8.08 30.25 -17.17
N THR D 131 -8.14 29.79 -18.42
CA THR D 131 -7.15 28.83 -18.90
C THR D 131 -5.98 29.61 -19.47
N GLU D 132 -4.93 28.88 -19.88
CA GLU D 132 -3.73 29.48 -20.44
C GLU D 132 -3.10 30.43 -19.41
N HIS D 133 -3.22 30.08 -18.13
CA HIS D 133 -2.66 30.84 -17.00
C HIS D 133 -1.92 29.90 -16.05
N ASN D 134 -0.74 30.34 -15.59
CA ASN D 134 0.10 29.54 -14.72
C ASN D 134 -0.25 29.84 -13.27
N ILE D 135 -0.25 28.77 -12.47
CA ILE D 135 -0.43 28.85 -11.03
C ILE D 135 0.89 29.32 -10.39
N CYS D 136 0.83 30.45 -9.68
CA CYS D 136 2.00 31.04 -9.05
C CYS D 136 1.98 30.81 -7.53
N GLU D 137 0.80 30.91 -6.91
CA GLU D 137 0.70 30.76 -5.47
C GLU D 137 -0.65 30.19 -5.04
N ILE D 138 -0.68 29.50 -3.89
CA ILE D 138 -1.85 28.93 -3.23
C ILE D 138 -1.91 29.44 -1.80
N ASN D 139 -2.99 30.16 -1.48
CA ASN D 139 -3.12 30.89 -0.23
C ASN D 139 -1.85 31.68 0.10
N GLY D 140 -1.29 32.42 -0.87
CA GLY D 140 -0.09 33.22 -0.62
C GLY D 140 1.23 32.42 -0.64
N GLN D 141 1.17 31.10 -0.81
CA GLN D 141 2.40 30.32 -0.88
C GLN D 141 2.86 30.04 -2.30
N ASN D 142 4.11 30.44 -2.60
CA ASN D 142 4.79 30.23 -3.87
C ASN D 142 4.86 28.73 -4.14
N VAL D 143 4.40 28.32 -5.34
CA VAL D 143 4.41 26.91 -5.74
C VAL D 143 5.15 26.74 -7.07
N ILE D 144 5.99 27.72 -7.43
CA ILE D 144 6.59 27.68 -8.76
C ILE D 144 7.79 26.75 -8.82
N GLY D 145 7.74 25.82 -9.79
CA GLY D 145 8.78 24.83 -9.91
C GLY D 145 8.37 23.45 -9.37
N LEU D 146 7.38 23.40 -8.44
CA LEU D 146 6.90 22.16 -7.84
C LEU D 146 6.19 21.29 -8.88
N LYS D 147 6.05 20.00 -8.60
CA LYS D 147 5.38 19.06 -9.49
C LYS D 147 3.88 19.21 -9.35
N ASP D 148 3.13 18.78 -10.37
CA ASP D 148 1.69 18.93 -10.34
C ASP D 148 1.13 18.27 -9.06
N SER D 149 1.75 17.16 -8.65
CA SER D 149 1.20 16.38 -7.54
C SER D 149 1.33 17.18 -6.24
N GLN D 150 2.43 17.92 -6.13
CA GLN D 150 2.70 18.76 -4.96
C GLN D 150 1.72 19.94 -4.93
N ILE D 151 1.44 20.50 -6.11
CA ILE D 151 0.47 21.58 -6.25
C ILE D 151 -0.91 21.02 -5.87
N ALA D 152 -1.29 19.84 -6.44
CA ALA D 152 -2.50 19.15 -5.99
C ALA D 152 -2.57 19.04 -4.46
N ASP D 153 -1.45 18.59 -3.84
CA ASP D 153 -1.46 18.26 -2.42
C ASP D 153 -1.70 19.54 -1.59
N ILE D 154 -1.13 20.67 -2.04
CA ILE D 154 -1.27 21.94 -1.35
C ILE D 154 -2.71 22.44 -1.44
N LEU D 155 -3.33 22.19 -2.61
CA LEU D 155 -4.73 22.54 -2.83
C LEU D 155 -5.59 21.73 -1.83
N SER D 156 -5.25 20.44 -1.67
CA SER D 156 -5.96 19.55 -0.77
C SER D 156 -5.81 20.02 0.66
N THR D 157 -4.60 20.42 1.08
CA THR D 157 -4.34 20.73 2.48
C THR D 157 -4.79 22.14 2.84
N SER D 158 -5.27 22.89 1.83
CA SER D 158 -5.90 24.17 2.11
C SER D 158 -7.26 23.94 2.77
N GLY D 159 -7.76 24.99 3.43
CA GLY D 159 -9.12 24.99 3.96
C GLY D 159 -10.16 24.97 2.84
N THR D 160 -11.42 25.20 3.21
CA THR D 160 -12.51 25.25 2.25
C THR D 160 -12.26 26.38 1.25
N VAL D 161 -11.93 27.56 1.82
CA VAL D 161 -11.66 28.76 1.05
C VAL D 161 -10.24 28.66 0.53
N VAL D 162 -10.10 28.65 -0.81
CA VAL D 162 -8.83 28.47 -1.52
C VAL D 162 -8.57 29.70 -2.39
N THR D 163 -7.45 30.38 -2.16
CA THR D 163 -7.03 31.48 -3.01
C THR D 163 -5.90 30.97 -3.90
N ILE D 164 -6.05 31.15 -5.22
CA ILE D 164 -4.99 30.86 -6.17
C ILE D 164 -4.53 32.17 -6.85
N THR D 165 -3.22 32.35 -6.98
CA THR D 165 -2.62 33.43 -7.70
C THR D 165 -2.14 32.95 -9.07
N ILE D 166 -2.58 33.63 -10.14
CA ILE D 166 -2.28 33.19 -11.51
C ILE D 166 -1.60 34.30 -12.32
N MET D 167 -0.92 33.88 -13.39
CA MET D 167 -0.22 34.73 -14.34
C MET D 167 -0.50 34.25 -15.78
N PRO D 168 -0.80 35.13 -16.75
CA PRO D 168 -0.92 34.69 -18.15
C PRO D 168 0.30 33.93 -18.62
N ALA D 169 0.06 32.82 -19.35
CA ALA D 169 1.10 31.85 -19.65
C ALA D 169 2.22 32.48 -20.48
N PHE D 170 1.89 33.35 -21.43
N PHE D 170 1.88 33.33 -21.46
CA PHE D 170 2.91 33.95 -22.29
CA PHE D 170 2.90 33.92 -22.30
C PHE D 170 3.84 34.83 -21.45
C PHE D 170 3.83 34.81 -21.46
N ILE D 171 3.31 35.44 -20.39
CA ILE D 171 4.14 36.29 -19.54
C ILE D 171 4.99 35.42 -18.61
N PHE D 172 4.37 34.37 -18.06
CA PHE D 172 5.08 33.44 -17.20
C PHE D 172 6.27 32.86 -17.92
N GLU D 173 6.04 32.36 -19.14
CA GLU D 173 7.09 31.78 -19.95
C GLU D 173 8.19 32.77 -20.24
N HIS D 174 7.88 34.07 -20.38
CA HIS D 174 8.92 35.07 -20.59
C HIS D 174 9.75 35.29 -19.32
N ILE D 175 9.11 35.30 -18.14
CA ILE D 175 9.76 35.60 -16.87
C ILE D 175 10.74 34.48 -16.52
N ILE D 176 10.41 33.22 -16.80
CA ILE D 176 11.26 32.12 -16.40
C ILE D 176 12.34 31.81 -17.44
N LYS D 177 12.38 32.49 -18.59
CA LYS D 177 13.47 32.33 -19.56
C LYS D 177 14.80 32.74 -18.96
N ARG D 178 15.88 32.02 -19.34
CA ARG D 178 17.26 32.25 -18.90
C ARG D 178 17.42 31.86 -17.42
N MET D 179 16.66 30.85 -16.99
CA MET D 179 16.80 30.29 -15.67
C MET D 179 16.73 28.77 -15.80
N ALA D 180 17.79 28.11 -15.31
CA ALA D 180 17.95 26.66 -15.42
C ALA D 180 16.89 25.97 -14.57
N PRO D 181 16.15 24.99 -15.13
CA PRO D 181 15.10 24.30 -14.38
C PRO D 181 15.49 23.85 -12.96
N SER D 182 16.75 23.39 -12.86
CA SER D 182 17.31 22.81 -11.65
C SER D 182 17.44 23.88 -10.57
N ILE D 183 17.72 25.12 -11.00
CA ILE D 183 17.85 26.25 -10.07
C ILE D 183 16.46 26.59 -9.52
N MET D 184 15.47 26.66 -10.43
CA MET D 184 14.12 27.05 -10.09
C MET D 184 13.53 26.04 -9.09
N LYS D 185 13.79 24.75 -9.39
CA LYS D 185 13.35 23.65 -8.55
C LYS D 185 14.05 23.67 -7.18
N SER D 186 15.35 23.99 -7.15
CA SER D 186 16.13 23.79 -5.94
C SER D 186 16.12 25.03 -5.04
N LEU D 187 15.88 26.24 -5.59
CA LEU D 187 16.17 27.44 -4.81
C LEU D 187 14.92 28.19 -4.34
N MET D 188 13.79 27.91 -5.00
CA MET D 188 12.64 28.80 -4.90
C MET D 188 12.00 28.72 -3.51
N ASP D 189 11.78 29.88 -2.87
CA ASP D 189 11.07 30.01 -1.60
C ASP D 189 9.67 29.43 -1.70
N HIS D 190 9.34 28.44 -0.84
CA HIS D 190 8.01 27.88 -0.73
C HIS D 190 7.46 28.02 0.68
N THR D 191 8.09 28.86 1.50
CA THR D 191 7.77 28.90 2.93
C THR D 191 6.41 29.51 3.20
N ILE D 192 5.86 29.09 4.34
CA ILE D 192 4.64 29.75 4.82
C ILE D 192 4.82 30.11 6.28
N PRO D 193 3.98 31.07 6.75
CA PRO D 193 4.16 31.64 8.08
C PRO D 193 3.91 30.60 9.19
N GLU D 194 2.98 29.68 8.97
CA GLU D 194 2.78 28.59 9.95
C GLU D 194 1.92 27.51 9.31
N VAL D 195 1.86 26.38 10.03
CA VAL D 195 0.91 25.31 9.74
C VAL D 195 -0.23 25.27 10.81
C1 EDO E . -7.73 -6.50 -4.80
O1 EDO E . -6.87 -5.89 -3.86
C2 EDO E . -7.80 -7.98 -4.66
O2 EDO E . -7.22 -8.52 -3.48
C1 EDO F . 38.40 -24.65 6.11
O1 EDO F . 37.24 -23.89 6.32
C2 EDO F . 38.29 -26.04 6.55
O2 EDO F . 37.05 -26.72 6.24
C1 EDO G . 26.66 -5.31 10.94
O1 EDO G . 27.47 -4.28 10.43
C2 EDO G . 26.73 -5.55 12.42
O2 EDO G . 27.83 -6.36 12.87
C1 EDO H . 26.76 -32.05 3.08
O1 EDO H . 27.50 -30.88 2.84
C2 EDO H . 27.14 -32.66 4.36
O2 EDO H . 26.67 -31.88 5.41
N DGL I . 28.15 -29.79 0.36
CA DGL I . 28.59 -28.39 0.09
C DGL I . 27.64 -27.42 0.82
O DGL I . 26.56 -27.90 1.31
CB DGL I . 30.08 -28.25 0.41
CG DGL I . 30.55 -29.02 1.66
CD DGL I . 31.45 -28.25 2.60
OE1 DGL I . 31.52 -28.64 3.82
OE2 DGL I . 32.10 -27.27 2.13
OXT DGL I . 27.97 -26.20 0.81
C1 EDO J . -33.11 -0.10 -5.41
O1 EDO J . -32.09 -0.37 -4.47
C2 EDO J . -32.86 1.06 -6.33
O2 EDO J . -32.05 2.08 -5.77
C1 EDO K . -13.58 -10.59 -11.95
O1 EDO K . -14.96 -10.40 -12.10
C2 EDO K . -13.11 -12.00 -12.13
O2 EDO K . -13.81 -12.82 -13.08
C1 EDO L . -16.36 -10.57 -2.04
O1 EDO L . -16.62 -9.47 -1.10
C2 EDO L . -17.49 -11.12 -2.88
O2 EDO L . -17.55 -12.58 -3.01
N GLY M . -17.55 -12.53 -22.44
CA GLY M . -18.74 -13.39 -22.55
C GLY M . -20.04 -12.61 -22.41
O GLY M . -21.00 -13.14 -22.87
OXT GLY M . -20.03 -11.49 -21.79
N1 LJA N . -1.45 14.43 -9.87
N3 LJA N . -7.05 19.07 -11.13
C4 LJA N . -1.44 15.81 -11.87
C5 LJA N . -1.97 16.79 -12.70
C6 LJA N . -3.13 17.47 -12.33
C7 LJA N . -3.77 17.14 -11.13
C8 LJA N . -3.24 16.16 -10.28
C1 LJA N . -1.11 12.94 -7.79
C2 LJA N . -1.82 14.11 -8.49
C3 LJA N . -2.06 15.50 -10.65
C9 LJA N . -5.91 18.48 -11.71
N2 LJA N . -4.99 17.81 -10.75
O1 LJA N . -2.64 14.76 -7.95
O2 LJA N . -5.77 18.60 -12.88
C1 EDO O . 5.96 33.41 0.12
O1 EDO O . 4.90 33.85 -0.76
C2 EDO O . 6.80 32.32 -0.46
O2 EDO O . 6.14 31.12 -0.62
C1 EDO P . 6.06 40.02 -23.57
O1 EDO P . 6.95 41.11 -23.34
C2 EDO P . 5.28 39.61 -22.40
O2 EDO P . 5.97 38.92 -21.37
C1 EDO Q . 7.42 37.47 5.09
O1 EDO Q . 8.70 37.88 5.57
C2 EDO Q . 7.29 36.00 4.86
O2 EDO Q . 8.52 35.28 4.93
S SO4 R . -18.15 29.64 -4.80
O1 SO4 R . -19.18 30.27 -5.59
O2 SO4 R . -17.53 28.59 -5.57
O3 SO4 R . -17.15 30.62 -4.45
O4 SO4 R . -18.73 29.06 -3.60
S SO4 S . 4.40 17.63 -13.51
O1 SO4 S . 5.32 16.70 -14.12
O2 SO4 S . 3.13 16.99 -13.30
O3 SO4 S . 4.27 18.77 -14.38
O4 SO4 S . 4.91 18.05 -12.24
N DGL T . 18.08 41.30 -22.93
CA DGL T . 17.46 40.12 -22.27
C DGL T . 17.60 40.25 -20.74
O DGL T . 17.02 39.33 -20.03
CB DGL T . 15.99 39.98 -22.69
CG DGL T . 15.13 41.22 -22.41
CD DGL T . 13.63 41.00 -22.50
OE1 DGL T . 13.20 39.81 -22.49
OE2 DGL T . 12.87 42.02 -22.55
OXT DGL T . 18.25 41.32 -20.31
N GLY U . 15.16 46.46 -21.55
CA GLY U . 15.67 45.32 -22.33
C GLY U . 17.17 45.23 -22.20
O GLY U . 17.67 44.08 -22.21
OXT GLY U . 17.79 46.29 -22.09
N GLY V . -8.01 20.70 -9.55
CA GLY V . -9.18 19.80 -9.52
C GLY V . -10.29 20.52 -8.81
O GLY V . -11.42 20.47 -9.32
OXT GLY V . -9.96 21.14 -7.80
#